data_2ML9
#
_entry.id   2ML9
#
_entity_poly.entity_id   1
_entity_poly.type   'polypeptide(L)'
_entity_poly.pdbx_seq_one_letter_code
;GPLGSIKELKMSKDEIKREYKEMEGSPEIKSKRRQFHQEIQSRNMRENVKRSSVVVAN
;
_entity_poly.pdbx_strand_id   A
#
# COMPACT_ATOMS: atom_id res chain seq x y z
N GLY A 1 -34.06 10.55 -19.81
CA GLY A 1 -34.01 10.70 -18.32
C GLY A 1 -33.70 9.35 -17.69
N PRO A 2 -34.66 8.46 -17.66
CA PRO A 2 -34.50 7.11 -17.08
C PRO A 2 -33.52 6.25 -17.87
N LEU A 3 -33.29 6.62 -19.13
CA LEU A 3 -32.39 5.87 -19.98
C LEU A 3 -30.98 5.91 -19.42
N GLY A 4 -30.58 7.07 -18.93
CA GLY A 4 -29.24 7.23 -18.37
C GLY A 4 -29.03 6.31 -17.18
N SER A 5 -30.10 6.07 -16.43
CA SER A 5 -30.03 5.20 -15.26
C SER A 5 -29.60 3.79 -15.67
N ILE A 6 -30.15 3.30 -16.77
CA ILE A 6 -29.82 1.96 -17.25
C ILE A 6 -28.34 1.89 -17.63
N LYS A 7 -27.86 2.92 -18.31
CA LYS A 7 -26.46 2.95 -18.72
C LYS A 7 -25.53 2.90 -17.51
N GLU A 8 -25.86 3.68 -16.49
CA GLU A 8 -25.04 3.72 -15.28
C GLU A 8 -25.11 2.38 -14.56
N LEU A 9 -26.28 1.75 -14.59
CA LEU A 9 -26.46 0.46 -13.94
C LEU A 9 -25.53 -0.58 -14.54
N LYS A 10 -25.41 -0.56 -15.87
CA LYS A 10 -24.55 -1.51 -16.56
C LYS A 10 -23.10 -1.33 -16.12
N MET A 11 -22.70 -0.07 -15.95
CA MET A 11 -21.34 0.23 -15.53
C MET A 11 -21.05 -0.37 -14.16
N SER A 12 -22.06 -0.35 -13.29
CA SER A 12 -21.91 -0.89 -11.95
C SER A 12 -21.48 -2.35 -11.99
N LYS A 13 -22.04 -3.09 -12.95
CA LYS A 13 -21.70 -4.50 -13.10
C LYS A 13 -20.23 -4.67 -13.44
N ASP A 14 -19.71 -3.79 -14.30
CA ASP A 14 -18.31 -3.86 -14.69
C ASP A 14 -17.40 -3.63 -13.48
N GLU A 15 -17.82 -2.73 -12.59
CA GLU A 15 -17.04 -2.42 -11.40
C GLU A 15 -16.93 -3.66 -10.50
N ILE A 16 -18.04 -4.38 -10.37
CA ILE A 16 -18.05 -5.58 -9.55
C ILE A 16 -17.09 -6.64 -10.10
N LYS A 17 -17.12 -6.81 -11.41
CA LYS A 17 -16.26 -7.79 -12.07
C LYS A 17 -14.80 -7.45 -11.83
N ARG A 18 -14.49 -6.16 -11.82
CA ARG A 18 -13.12 -5.72 -11.61
C ARG A 18 -12.59 -6.19 -10.26
N GLU A 19 -13.44 -6.10 -9.25
CA GLU A 19 -13.07 -6.51 -7.90
C GLU A 19 -12.52 -7.94 -7.92
N TYR A 20 -13.23 -8.83 -8.59
CA TYR A 20 -12.80 -10.23 -8.67
C TYR A 20 -11.47 -10.34 -9.42
N LYS A 21 -11.32 -9.54 -10.45
CA LYS A 21 -10.09 -9.56 -11.25
C LYS A 21 -8.90 -9.13 -10.40
N GLU A 22 -9.14 -8.18 -9.49
CA GLU A 22 -8.08 -7.70 -8.62
C GLU A 22 -7.50 -8.83 -7.78
N MET A 23 -8.36 -9.77 -7.40
CA MET A 23 -7.92 -10.89 -6.60
C MET A 23 -6.92 -11.75 -7.38
N GLU A 24 -7.16 -11.89 -8.67
CA GLU A 24 -6.28 -12.69 -9.53
C GLU A 24 -4.91 -12.04 -9.63
N GLY A 25 -4.86 -10.73 -9.39
CA GLY A 25 -3.60 -9.99 -9.46
C GLY A 25 -2.65 -10.42 -8.36
N SER A 26 -3.13 -11.30 -7.48
CA SER A 26 -2.31 -11.78 -6.37
C SER A 26 -1.77 -10.61 -5.56
N PRO A 27 -2.64 -9.86 -4.94
CA PRO A 27 -2.25 -8.69 -4.11
C PRO A 27 -1.72 -9.10 -2.73
N GLU A 28 -1.74 -10.40 -2.46
CA GLU A 28 -1.27 -10.90 -1.18
C GLU A 28 0.15 -10.44 -0.91
N ILE A 29 1.00 -10.49 -1.93
CA ILE A 29 2.39 -10.08 -1.78
C ILE A 29 2.47 -8.59 -1.45
N LYS A 30 1.68 -7.79 -2.17
CA LYS A 30 1.67 -6.35 -1.94
C LYS A 30 1.07 -6.01 -0.59
N SER A 31 0.09 -6.82 -0.16
CA SER A 31 -0.56 -6.59 1.12
C SER A 31 0.44 -6.69 2.26
N LYS A 32 1.39 -7.61 2.12
CA LYS A 32 2.41 -7.80 3.14
C LYS A 32 3.25 -6.54 3.33
N ARG A 33 3.60 -5.90 2.22
CA ARG A 33 4.40 -4.68 2.27
C ARG A 33 3.63 -3.57 2.97
N ARG A 34 2.34 -3.48 2.68
CA ARG A 34 1.49 -2.45 3.27
C ARG A 34 1.56 -2.54 4.80
N GLN A 35 1.52 -3.76 5.33
CA GLN A 35 1.56 -3.95 6.77
C GLN A 35 2.77 -3.25 7.37
N PHE A 36 3.93 -3.43 6.75
CA PHE A 36 5.15 -2.81 7.24
C PHE A 36 5.09 -1.29 7.07
N HIS A 37 4.48 -0.86 5.97
CA HIS A 37 4.35 0.57 5.69
C HIS A 37 3.61 1.27 6.83
N GLN A 38 2.65 0.58 7.43
CA GLN A 38 1.88 1.15 8.53
C GLN A 38 2.79 1.44 9.72
N GLU A 39 3.76 0.56 9.94
CA GLU A 39 4.69 0.73 11.05
C GLU A 39 5.54 1.99 10.85
N ILE A 40 6.00 2.19 9.62
CA ILE A 40 6.82 3.35 9.31
C ILE A 40 6.00 4.64 9.41
N GLN A 41 4.68 4.52 9.19
CA GLN A 41 3.81 5.68 9.26
C GLN A 41 3.78 6.22 10.69
N SER A 42 3.82 5.33 11.67
CA SER A 42 3.80 5.74 13.06
C SER A 42 5.06 6.51 13.40
N ARG A 43 6.09 6.33 12.58
CA ARG A 43 7.37 7.02 12.78
C ARG A 43 7.37 8.38 12.10
N ASN A 44 6.18 8.98 11.98
CA ASN A 44 6.07 10.28 11.35
C ASN A 44 6.80 11.33 12.17
N MET A 45 7.33 12.34 11.48
CA MET A 45 8.06 13.41 12.15
C MET A 45 7.10 14.24 13.00
N ARG A 46 5.88 14.39 12.52
CA ARG A 46 4.88 15.17 13.24
C ARG A 46 4.70 14.63 14.65
N GLU A 47 4.65 13.32 14.77
CA GLU A 47 4.48 12.69 16.07
C GLU A 47 5.70 12.94 16.96
N ASN A 48 6.87 13.04 16.33
CA ASN A 48 8.10 13.27 17.08
C ASN A 48 8.04 14.60 17.81
N VAL A 49 7.47 15.62 17.16
CA VAL A 49 7.35 16.93 17.77
C VAL A 49 5.88 17.28 17.99
N LYS A 50 5.56 17.67 19.21
CA LYS A 50 4.19 18.03 19.55
C LYS A 50 3.95 19.51 19.30
N ARG A 51 2.81 19.82 18.69
CA ARG A 51 2.47 21.21 18.38
C ARG A 51 2.42 22.04 19.65
N SER A 52 1.84 21.47 20.70
CA SER A 52 1.72 22.19 21.97
C SER A 52 3.11 22.55 22.52
N SER A 53 4.06 21.67 22.31
CA SER A 53 5.43 21.91 22.78
C SER A 53 6.11 22.95 21.90
N VAL A 54 7.07 23.67 22.49
CA VAL A 54 7.80 24.70 21.75
C VAL A 54 9.27 24.71 22.15
N VAL A 55 9.53 24.40 23.42
CA VAL A 55 10.91 24.38 23.92
C VAL A 55 11.52 23.00 23.74
N VAL A 56 10.92 22.20 22.85
CA VAL A 56 11.42 20.85 22.59
C VAL A 56 12.77 20.91 21.89
N ALA A 57 13.69 20.03 22.29
CA ALA A 57 15.01 19.99 21.69
C ALA A 57 15.61 21.39 21.62
N ASN A 58 16.82 21.48 21.06
CA ASN A 58 17.49 22.77 20.93
C ASN A 58 16.55 23.81 20.34
N GLY A 1 -38.41 14.81 -20.80
CA GLY A 1 -37.66 13.52 -20.82
C GLY A 1 -36.43 13.63 -19.93
N PRO A 2 -36.61 14.05 -18.71
CA PRO A 2 -35.49 14.21 -17.74
C PRO A 2 -34.83 12.87 -17.40
N LEU A 3 -35.59 11.79 -17.52
CA LEU A 3 -35.07 10.45 -17.22
C LEU A 3 -34.16 10.49 -16.00
N GLY A 4 -34.76 10.41 -14.82
CA GLY A 4 -33.99 10.44 -13.59
C GLY A 4 -33.31 9.09 -13.34
N SER A 5 -33.75 8.07 -14.07
CA SER A 5 -33.17 6.74 -13.92
C SER A 5 -31.68 6.76 -14.24
N ILE A 6 -31.31 7.52 -15.25
CA ILE A 6 -29.91 7.64 -15.64
C ILE A 6 -29.09 8.29 -14.55
N LYS A 7 -29.65 9.33 -13.94
CA LYS A 7 -28.95 10.05 -12.88
C LYS A 7 -28.60 9.12 -11.73
N GLU A 8 -29.51 8.17 -11.44
CA GLU A 8 -29.29 7.21 -10.36
C GLU A 8 -27.95 6.50 -10.53
N LEU A 9 -27.63 6.14 -11.76
CA LEU A 9 -26.36 5.46 -12.04
C LEU A 9 -25.18 6.36 -11.70
N LYS A 10 -25.31 7.64 -12.02
CA LYS A 10 -24.24 8.59 -11.75
C LYS A 10 -23.99 8.69 -10.23
N MET A 11 -25.06 8.74 -9.47
CA MET A 11 -24.95 8.83 -8.02
C MET A 11 -24.35 7.55 -7.44
N SER A 12 -24.69 6.42 -8.05
CA SER A 12 -24.18 5.13 -7.59
C SER A 12 -22.71 4.97 -7.96
N LYS A 13 -22.02 6.09 -8.12
CA LYS A 13 -20.60 6.07 -8.48
C LYS A 13 -19.75 5.65 -7.28
N ASP A 14 -20.31 5.77 -6.08
CA ASP A 14 -19.60 5.41 -4.87
C ASP A 14 -19.30 3.91 -4.85
N GLU A 15 -20.26 3.12 -5.31
CA GLU A 15 -20.07 1.67 -5.34
C GLU A 15 -18.91 1.30 -6.25
N ILE A 16 -18.84 1.96 -7.41
CA ILE A 16 -17.77 1.68 -8.36
C ILE A 16 -16.41 2.02 -7.74
N LYS A 17 -16.36 3.16 -7.06
CA LYS A 17 -15.11 3.60 -6.44
C LYS A 17 -14.60 2.54 -5.46
N ARG A 18 -15.52 1.95 -4.71
CA ARG A 18 -15.15 0.93 -3.74
C ARG A 18 -14.58 -0.30 -4.45
N GLU A 19 -15.16 -0.63 -5.60
CA GLU A 19 -14.71 -1.79 -6.36
C GLU A 19 -13.30 -1.56 -6.90
N TYR A 20 -12.98 -0.30 -7.18
CA TYR A 20 -11.66 0.04 -7.71
C TYR A 20 -10.56 -0.35 -6.73
N LYS A 21 -10.75 -0.01 -5.46
CA LYS A 21 -9.77 -0.33 -4.44
C LYS A 21 -9.62 -1.85 -4.26
N GLU A 22 -10.74 -2.57 -4.28
CA GLU A 22 -10.71 -4.01 -4.11
C GLU A 22 -10.03 -4.66 -5.32
N MET A 23 -10.29 -4.14 -6.51
CA MET A 23 -9.70 -4.69 -7.72
C MET A 23 -8.19 -4.52 -7.70
N GLU A 24 -7.73 -3.37 -7.24
CA GLU A 24 -6.30 -3.08 -7.18
C GLU A 24 -5.63 -3.96 -6.12
N GLY A 25 -6.34 -4.20 -5.03
CA GLY A 25 -5.82 -5.02 -3.94
C GLY A 25 -6.05 -6.50 -4.23
N SER A 26 -5.91 -6.89 -5.49
CA SER A 26 -6.09 -8.28 -5.87
C SER A 26 -4.99 -9.16 -5.26
N PRO A 27 -3.75 -8.74 -5.39
CA PRO A 27 -2.60 -9.51 -4.85
C PRO A 27 -2.43 -9.31 -3.36
N GLU A 28 -2.25 -10.41 -2.64
CA GLU A 28 -2.06 -10.35 -1.19
C GLU A 28 -0.60 -10.12 -0.85
N ILE A 29 0.28 -10.40 -1.80
CA ILE A 29 1.72 -10.23 -1.57
C ILE A 29 2.05 -8.76 -1.30
N LYS A 30 1.47 -7.88 -2.11
CA LYS A 30 1.70 -6.45 -1.95
C LYS A 30 1.09 -5.94 -0.65
N SER A 31 -0.08 -6.48 -0.29
CA SER A 31 -0.76 -6.08 0.92
C SER A 31 0.09 -6.39 2.14
N LYS A 32 0.80 -7.51 2.10
CA LYS A 32 1.66 -7.90 3.21
C LYS A 32 2.79 -6.90 3.40
N ARG A 33 3.36 -6.43 2.29
CA ARG A 33 4.45 -5.46 2.35
C ARG A 33 3.97 -4.15 2.95
N ARG A 34 2.71 -3.80 2.66
CA ARG A 34 2.13 -2.57 3.18
C ARG A 34 2.20 -2.53 4.70
N GLN A 35 2.13 -3.72 5.31
CA GLN A 35 2.17 -3.81 6.77
C GLN A 35 3.39 -3.09 7.31
N PHE A 36 4.53 -3.29 6.66
CA PHE A 36 5.77 -2.63 7.09
C PHE A 36 5.65 -1.13 6.92
N HIS A 37 5.06 -0.70 5.80
CA HIS A 37 4.90 0.72 5.54
C HIS A 37 4.00 1.35 6.60
N GLN A 38 3.01 0.59 7.05
CA GLN A 38 2.08 1.08 8.06
C GLN A 38 2.81 1.34 9.38
N GLU A 39 3.88 0.59 9.62
CA GLU A 39 4.65 0.75 10.84
C GLU A 39 5.34 2.12 10.87
N ILE A 40 5.83 2.54 9.71
CA ILE A 40 6.51 3.83 9.61
C ILE A 40 5.54 4.97 9.91
N GLN A 41 4.34 4.87 9.37
CA GLN A 41 3.33 5.90 9.59
C GLN A 41 2.99 6.01 11.07
N SER A 42 2.98 4.88 11.75
CA SER A 42 2.67 4.86 13.17
C SER A 42 3.77 5.54 13.98
N ARG A 43 4.86 5.87 13.30
CA ARG A 43 5.99 6.53 13.96
C ARG A 43 5.54 7.86 14.55
N ASN A 44 4.73 8.60 13.80
CA ASN A 44 4.25 9.89 14.27
C ASN A 44 3.39 9.73 15.52
N MET A 45 2.55 8.70 15.53
CA MET A 45 1.68 8.44 16.67
C MET A 45 2.51 8.03 17.88
N ARG A 46 3.55 7.24 17.65
CA ARG A 46 4.41 6.78 18.74
C ARG A 46 5.04 7.97 19.45
N GLU A 47 5.41 8.98 18.67
CA GLU A 47 6.03 10.16 19.26
C GLU A 47 5.13 10.79 20.32
N ASN A 48 3.83 10.75 20.08
CA ASN A 48 2.86 11.31 21.02
C ASN A 48 2.76 10.45 22.27
N VAL A 49 3.34 9.26 22.22
CA VAL A 49 3.30 8.36 23.36
C VAL A 49 1.85 8.07 23.76
N LYS A 50 1.40 6.84 23.58
CA LYS A 50 0.04 6.48 23.92
C LYS A 50 -0.10 4.97 24.01
N ARG A 51 0.55 4.39 25.00
CA ARG A 51 0.51 2.95 25.23
C ARG A 51 0.75 2.65 26.69
N SER A 52 1.79 3.26 27.25
CA SER A 52 2.13 3.08 28.66
C SER A 52 1.55 4.22 29.49
N SER A 53 0.27 4.10 29.84
CA SER A 53 -0.40 5.12 30.63
C SER A 53 0.06 5.06 32.09
N VAL A 54 0.04 6.20 32.77
CA VAL A 54 0.45 6.27 34.16
C VAL A 54 -0.47 5.41 35.02
N VAL A 55 -1.77 5.53 34.80
CA VAL A 55 -2.74 4.76 35.57
C VAL A 55 -4.06 4.63 34.80
N VAL A 56 -4.32 5.60 33.93
CA VAL A 56 -5.55 5.59 33.14
C VAL A 56 -5.46 4.55 32.04
N ALA A 57 -6.55 3.81 31.84
CA ALA A 57 -6.59 2.78 30.81
C ALA A 57 -8.01 2.61 30.27
N ASN A 58 -8.11 2.23 29.01
CA ASN A 58 -9.41 2.04 28.38
C ASN A 58 -9.27 1.26 27.08
N GLY A 1 12.88 20.63 0.13
CA GLY A 1 13.92 20.31 -0.89
C GLY A 1 13.41 20.65 -2.28
N PRO A 2 12.98 21.87 -2.47
CA PRO A 2 12.45 22.35 -3.77
C PRO A 2 13.53 22.39 -4.85
N LEU A 3 14.78 22.46 -4.42
CA LEU A 3 15.91 22.51 -5.35
C LEU A 3 15.97 21.23 -6.17
N GLY A 4 15.72 20.10 -5.52
CA GLY A 4 15.76 18.81 -6.21
C GLY A 4 14.41 18.48 -6.82
N SER A 5 13.37 19.17 -6.38
CA SER A 5 12.03 18.95 -6.91
C SER A 5 11.98 19.23 -8.40
N ILE A 6 12.63 20.30 -8.82
CA ILE A 6 12.66 20.67 -10.24
C ILE A 6 13.65 19.78 -11.00
N LYS A 7 14.79 19.54 -10.38
CA LYS A 7 15.82 18.71 -11.01
C LYS A 7 15.32 17.29 -11.24
N GLU A 8 14.68 16.72 -10.22
CA GLU A 8 14.16 15.36 -10.33
C GLU A 8 12.92 15.34 -11.22
N LEU A 9 12.55 16.49 -11.75
CA LEU A 9 11.38 16.58 -12.61
C LEU A 9 11.54 15.70 -13.84
N LYS A 10 12.73 15.76 -14.45
CA LYS A 10 13.00 14.96 -15.64
C LYS A 10 12.98 13.48 -15.30
N MET A 11 13.53 13.13 -14.14
CA MET A 11 13.57 11.74 -13.72
C MET A 11 12.16 11.15 -13.67
N SER A 12 11.16 12.01 -13.85
CA SER A 12 9.77 11.57 -13.83
C SER A 12 9.53 10.50 -14.90
N LYS A 13 10.56 10.23 -15.69
CA LYS A 13 10.45 9.22 -16.74
C LYS A 13 10.15 7.85 -16.14
N ASP A 14 10.68 7.61 -14.94
CA ASP A 14 10.46 6.34 -14.27
C ASP A 14 8.98 6.14 -13.97
N GLU A 15 8.29 7.23 -13.66
CA GLU A 15 6.87 7.15 -13.36
C GLU A 15 6.14 6.29 -14.39
N ILE A 16 6.71 6.20 -15.58
CA ILE A 16 6.11 5.39 -16.64
C ILE A 16 6.08 3.92 -16.24
N LYS A 17 7.17 3.45 -15.66
CA LYS A 17 7.26 2.06 -15.25
C LYS A 17 6.20 1.74 -14.20
N ARG A 18 5.87 2.73 -13.38
CA ARG A 18 4.88 2.55 -12.34
C ARG A 18 3.53 2.13 -12.95
N GLU A 19 3.18 2.76 -14.07
CA GLU A 19 1.93 2.45 -14.73
C GLU A 19 1.87 0.98 -15.14
N TYR A 20 3.02 0.45 -15.54
CA TYR A 20 3.10 -0.95 -15.95
C TYR A 20 2.75 -1.87 -14.79
N LYS A 21 3.18 -1.51 -13.59
CA LYS A 21 2.91 -2.31 -12.41
C LYS A 21 1.41 -2.40 -12.16
N GLU A 22 0.69 -1.34 -12.52
CA GLU A 22 -0.76 -1.33 -12.32
C GLU A 22 -1.42 -2.32 -13.28
N MET A 23 -0.62 -2.86 -14.18
CA MET A 23 -1.13 -3.83 -15.15
C MET A 23 -1.73 -5.03 -14.43
N GLU A 24 -1.01 -5.55 -13.44
CA GLU A 24 -1.48 -6.69 -12.68
C GLU A 24 -2.64 -6.26 -11.77
N GLY A 25 -2.80 -4.96 -11.62
CA GLY A 25 -3.86 -4.41 -10.78
C GLY A 25 -3.42 -4.38 -9.31
N SER A 26 -2.13 -4.55 -9.09
CA SER A 26 -1.57 -4.54 -7.75
C SER A 26 -2.28 -5.58 -6.88
N PRO A 27 -1.87 -6.83 -6.99
CA PRO A 27 -2.48 -7.94 -6.20
C PRO A 27 -2.38 -7.70 -4.70
N GLU A 28 -3.40 -8.11 -3.96
CA GLU A 28 -3.41 -7.92 -2.52
C GLU A 28 -2.22 -8.63 -1.87
N ILE A 29 -1.50 -9.42 -2.65
CA ILE A 29 -0.34 -10.14 -2.13
C ILE A 29 0.74 -9.16 -1.65
N LYS A 30 0.98 -8.13 -2.45
CA LYS A 30 1.99 -7.13 -2.12
C LYS A 30 1.56 -6.32 -0.90
N SER A 31 0.33 -6.53 -0.46
CA SER A 31 -0.19 -5.81 0.70
C SER A 31 0.59 -6.19 1.96
N LYS A 32 1.16 -7.38 1.96
CA LYS A 32 1.93 -7.85 3.11
C LYS A 32 3.12 -6.93 3.36
N ARG A 33 3.80 -6.52 2.28
CA ARG A 33 4.95 -5.64 2.40
C ARG A 33 4.52 -4.28 2.96
N ARG A 34 3.36 -3.82 2.53
CA ARG A 34 2.83 -2.54 2.99
C ARG A 34 2.61 -2.57 4.49
N GLN A 35 2.42 -3.77 5.04
CA GLN A 35 2.20 -3.91 6.46
C GLN A 35 3.31 -3.23 7.26
N PHE A 36 4.55 -3.38 6.78
CA PHE A 36 5.69 -2.78 7.45
C PHE A 36 5.59 -1.25 7.39
N HIS A 37 5.10 -0.74 6.27
CA HIS A 37 4.96 0.70 6.08
C HIS A 37 4.01 1.27 7.13
N GLN A 38 3.22 0.39 7.75
CA GLN A 38 2.27 0.83 8.77
C GLN A 38 3.00 1.37 9.98
N GLU A 39 4.14 0.79 10.31
CA GLU A 39 4.92 1.24 11.45
C GLU A 39 5.42 2.66 11.23
N ILE A 40 5.91 2.93 10.03
CA ILE A 40 6.41 4.26 9.70
C ILE A 40 5.27 5.27 9.71
N GLN A 41 4.15 4.89 9.11
CA GLN A 41 2.99 5.76 9.07
C GLN A 41 2.50 6.07 10.47
N SER A 42 2.79 5.17 11.40
CA SER A 42 2.37 5.35 12.79
C SER A 42 3.06 6.58 13.39
N ARG A 43 4.15 7.01 12.77
CA ARG A 43 4.88 8.17 13.26
C ARG A 43 4.12 9.46 12.92
N ASN A 44 2.80 9.37 12.87
CA ASN A 44 1.98 10.54 12.54
C ASN A 44 2.14 11.61 13.62
N MET A 45 2.25 12.86 13.19
CA MET A 45 2.40 13.96 14.12
C MET A 45 1.10 14.21 14.89
N ARG A 46 -0.01 13.72 14.33
CA ARG A 46 -1.30 13.89 14.96
C ARG A 46 -1.30 13.27 16.36
N GLU A 47 -0.58 12.17 16.50
CA GLU A 47 -0.51 11.48 17.79
C GLU A 47 -0.06 12.45 18.88
N ASN A 48 0.55 13.56 18.47
CA ASN A 48 1.01 14.55 19.43
C ASN A 48 -0.16 15.14 20.21
N VAL A 49 -1.26 15.39 19.50
CA VAL A 49 -2.45 15.96 20.13
C VAL A 49 -3.36 14.85 20.66
N LYS A 50 -3.81 15.01 21.90
CA LYS A 50 -4.68 14.01 22.51
C LYS A 50 -5.92 13.81 21.67
N ARG A 51 -6.02 12.64 21.04
CA ARG A 51 -7.17 12.33 20.19
C ARG A 51 -8.42 12.15 21.04
N SER A 52 -8.22 11.82 22.31
CA SER A 52 -9.34 11.63 23.23
C SER A 52 -10.14 12.91 23.39
N SER A 53 -9.44 14.04 23.38
CA SER A 53 -10.09 15.35 23.52
C SER A 53 -10.36 15.96 22.17
N VAL A 54 -11.62 16.32 21.92
CA VAL A 54 -12.01 16.92 20.64
C VAL A 54 -12.88 18.14 20.88
N VAL A 55 -12.93 19.03 19.90
CA VAL A 55 -13.71 20.25 20.00
C VAL A 55 -15.19 19.97 19.68
N VAL A 56 -15.70 18.86 20.20
CA VAL A 56 -17.09 18.49 19.97
C VAL A 56 -17.78 18.10 21.27
N ALA A 57 -18.97 18.67 21.49
CA ALA A 57 -19.72 18.38 22.70
C ALA A 57 -20.40 17.01 22.59
N ASN A 58 -20.58 16.36 23.74
CA ASN A 58 -21.21 15.05 23.78
C ASN A 58 -22.63 15.12 23.20
N GLY A 1 -25.57 -18.99 -37.80
CA GLY A 1 -26.52 -18.78 -38.93
C GLY A 1 -26.44 -19.96 -39.90
N PRO A 2 -25.38 -20.03 -40.67
CA PRO A 2 -25.18 -21.13 -41.65
C PRO A 2 -24.93 -22.48 -40.96
N LEU A 3 -23.71 -22.65 -40.46
CA LEU A 3 -23.34 -23.89 -39.79
C LEU A 3 -22.02 -23.73 -39.06
N GLY A 4 -21.26 -22.71 -39.43
CA GLY A 4 -19.96 -22.45 -38.80
C GLY A 4 -20.13 -21.63 -37.53
N SER A 5 -21.34 -21.11 -37.32
CA SER A 5 -21.62 -20.30 -36.14
C SER A 5 -21.41 -21.12 -34.87
N ILE A 6 -21.77 -22.40 -34.93
CA ILE A 6 -21.62 -23.27 -33.78
C ILE A 6 -20.14 -23.47 -33.44
N LYS A 7 -19.33 -23.67 -34.46
CA LYS A 7 -17.90 -23.87 -34.27
C LYS A 7 -17.27 -22.63 -33.63
N GLU A 8 -17.64 -21.46 -34.14
CA GLU A 8 -17.10 -20.21 -33.61
C GLU A 8 -17.56 -19.99 -32.18
N LEU A 9 -18.61 -20.70 -31.78
CA LEU A 9 -19.14 -20.57 -30.44
C LEU A 9 -18.08 -20.92 -29.40
N LYS A 10 -17.20 -21.84 -29.75
CA LYS A 10 -16.15 -22.26 -28.84
C LYS A 10 -15.48 -21.05 -28.19
N MET A 11 -15.46 -19.94 -28.92
CA MET A 11 -14.85 -18.72 -28.41
C MET A 11 -15.59 -18.23 -27.16
N SER A 12 -16.91 -18.32 -27.20
CA SER A 12 -17.73 -17.88 -26.07
C SER A 12 -17.40 -18.70 -24.82
N LYS A 13 -17.22 -20.00 -25.01
CA LYS A 13 -16.90 -20.89 -23.90
C LYS A 13 -15.55 -20.51 -23.28
N ASP A 14 -14.62 -20.12 -24.13
CA ASP A 14 -13.29 -19.74 -23.64
C ASP A 14 -13.37 -18.49 -22.77
N GLU A 15 -14.25 -17.57 -23.15
CA GLU A 15 -14.42 -16.34 -22.38
C GLU A 15 -14.76 -16.66 -20.93
N ILE A 16 -15.39 -17.80 -20.71
CA ILE A 16 -15.77 -18.21 -19.37
C ILE A 16 -14.53 -18.43 -18.51
N LYS A 17 -13.41 -18.73 -19.15
CA LYS A 17 -12.17 -18.97 -18.43
C LYS A 17 -11.79 -17.75 -17.60
N ARG A 18 -12.15 -16.57 -18.08
CA ARG A 18 -11.84 -15.33 -17.36
C ARG A 18 -12.27 -15.44 -15.91
N GLU A 19 -13.38 -16.13 -15.67
CA GLU A 19 -13.90 -16.28 -14.31
C GLU A 19 -12.85 -16.96 -13.43
N TYR A 20 -11.91 -17.65 -14.05
CA TYR A 20 -10.86 -18.34 -13.32
C TYR A 20 -10.01 -17.33 -12.54
N LYS A 21 -9.70 -16.21 -13.18
CA LYS A 21 -8.90 -15.18 -12.53
C LYS A 21 -9.63 -14.61 -11.32
N GLU A 22 -10.93 -14.39 -11.47
CA GLU A 22 -11.73 -13.85 -10.38
C GLU A 22 -11.68 -14.78 -9.17
N MET A 23 -11.72 -16.08 -9.43
CA MET A 23 -11.69 -17.06 -8.35
C MET A 23 -10.37 -16.96 -7.57
N GLU A 24 -9.27 -16.77 -8.29
CA GLU A 24 -7.97 -16.66 -7.66
C GLU A 24 -7.87 -15.36 -6.88
N GLY A 25 -8.49 -14.31 -7.41
CA GLY A 25 -8.46 -13.00 -6.75
C GLY A 25 -7.14 -12.31 -7.00
N SER A 26 -6.45 -11.96 -5.92
CA SER A 26 -5.15 -11.27 -6.04
C SER A 26 -4.17 -11.82 -5.01
N PRO A 27 -2.91 -11.57 -5.20
CA PRO A 27 -1.84 -12.03 -4.27
C PRO A 27 -1.87 -11.28 -2.94
N GLU A 28 -2.12 -12.00 -1.86
CA GLU A 28 -2.16 -11.39 -0.54
C GLU A 28 -0.76 -11.25 0.04
N ILE A 29 0.20 -11.94 -0.58
CA ILE A 29 1.58 -11.88 -0.11
C ILE A 29 2.13 -10.46 -0.25
N LYS A 30 1.85 -9.83 -1.39
CA LYS A 30 2.33 -8.47 -1.63
C LYS A 30 1.60 -7.48 -0.74
N SER A 31 0.57 -7.96 -0.05
CA SER A 31 -0.21 -7.10 0.85
C SER A 31 0.66 -6.62 2.01
N LYS A 32 1.73 -7.36 2.27
CA LYS A 32 2.63 -6.99 3.37
C LYS A 32 3.33 -5.66 3.08
N ARG A 33 3.36 -5.30 1.80
CA ARG A 33 4.00 -4.04 1.40
C ARG A 33 3.24 -2.85 1.99
N ARG A 34 1.93 -2.90 1.92
CA ARG A 34 1.10 -1.82 2.44
C ARG A 34 1.26 -1.70 3.96
N GLN A 35 1.37 -2.85 4.62
CA GLN A 35 1.52 -2.88 6.07
C GLN A 35 2.87 -2.28 6.48
N PHE A 36 3.83 -2.33 5.56
CA PHE A 36 5.16 -1.79 5.84
C PHE A 36 5.08 -0.29 6.10
N HIS A 37 4.34 0.41 5.26
CA HIS A 37 4.18 1.86 5.41
C HIS A 37 3.55 2.20 6.75
N GLN A 38 2.55 1.42 7.15
CA GLN A 38 1.88 1.64 8.42
C GLN A 38 2.82 1.39 9.59
N GLU A 39 3.78 0.49 9.38
CA GLU A 39 4.74 0.16 10.41
C GLU A 39 5.63 1.36 10.73
N ILE A 40 5.93 2.15 9.70
CA ILE A 40 6.78 3.32 9.88
C ILE A 40 6.11 4.34 10.79
N GLN A 41 4.83 4.58 10.56
CA GLN A 41 4.07 5.54 11.37
C GLN A 41 3.98 5.05 12.81
N SER A 42 4.05 3.73 13.00
CA SER A 42 3.96 3.15 14.33
C SER A 42 5.17 3.54 15.17
N ARG A 43 6.22 4.00 14.49
CA ARG A 43 7.44 4.39 15.18
C ARG A 43 7.20 5.63 16.03
N ASN A 44 6.04 6.26 15.83
CA ASN A 44 5.70 7.46 16.59
C ASN A 44 5.56 7.14 18.07
N MET A 45 6.68 7.15 18.78
CA MET A 45 6.67 6.86 20.22
C MET A 45 5.97 7.98 20.98
N ARG A 46 6.15 9.20 20.51
CA ARG A 46 5.54 10.35 21.16
C ARG A 46 4.01 10.21 21.18
N GLU A 47 3.45 9.82 20.05
CA GLU A 47 2.01 9.65 19.94
C GLU A 47 1.54 8.50 20.84
N ASN A 48 2.35 7.45 20.90
CA ASN A 48 2.00 6.28 21.70
C ASN A 48 1.94 6.66 23.17
N VAL A 49 2.88 7.49 23.61
CA VAL A 49 2.91 7.92 25.01
C VAL A 49 2.30 9.30 25.16
N LYS A 50 1.38 9.44 26.11
CA LYS A 50 0.72 10.72 26.35
C LYS A 50 0.33 10.86 27.82
N ARG A 51 0.71 9.87 28.63
CA ARG A 51 0.38 9.89 30.06
C ARG A 51 1.52 10.52 30.86
N SER A 52 1.24 11.63 31.51
CA SER A 52 2.24 12.32 32.31
C SER A 52 1.61 13.46 33.11
N SER A 53 1.04 14.43 32.39
CA SER A 53 0.40 15.57 33.04
C SER A 53 -0.93 15.87 32.38
N VAL A 54 -1.85 16.43 33.17
CA VAL A 54 -3.18 16.77 32.65
C VAL A 54 -3.52 18.23 32.96
N VAL A 55 -4.25 18.45 34.04
CA VAL A 55 -4.64 19.80 34.42
C VAL A 55 -3.41 20.64 34.76
N VAL A 56 -2.51 20.08 35.56
CA VAL A 56 -1.29 20.78 35.94
C VAL A 56 -0.24 19.80 36.44
N ALA A 57 1.02 20.04 36.06
CA ALA A 57 2.11 19.17 36.48
C ALA A 57 1.69 17.70 36.40
N ASN A 58 2.30 16.87 37.22
CA ASN A 58 1.99 15.45 37.24
C ASN A 58 0.64 15.21 37.91
N GLY A 1 -34.81 -1.73 -36.07
CA GLY A 1 -33.88 -2.89 -36.15
C GLY A 1 -33.16 -3.06 -34.81
N PRO A 2 -32.39 -4.11 -34.69
CA PRO A 2 -31.63 -4.40 -33.43
C PRO A 2 -30.45 -3.45 -33.23
N LEU A 3 -30.04 -3.28 -31.98
CA LEU A 3 -28.93 -2.40 -31.65
C LEU A 3 -27.62 -3.19 -31.61
N GLY A 4 -26.61 -2.66 -32.31
CA GLY A 4 -25.30 -3.31 -32.34
C GLY A 4 -24.43 -2.87 -31.18
N SER A 5 -24.82 -1.75 -30.56
CA SER A 5 -24.06 -1.22 -29.42
C SER A 5 -24.02 -2.24 -28.28
N ILE A 6 -25.18 -2.84 -28.00
CA ILE A 6 -25.27 -3.82 -26.93
C ILE A 6 -24.41 -5.05 -27.27
N LYS A 7 -24.51 -5.50 -28.52
CA LYS A 7 -23.75 -6.66 -28.97
C LYS A 7 -22.25 -6.37 -28.91
N GLU A 8 -21.87 -5.17 -29.33
CA GLU A 8 -20.47 -4.77 -29.33
C GLU A 8 -20.02 -4.40 -27.93
N LEU A 9 -20.90 -4.60 -26.96
CA LEU A 9 -20.58 -4.28 -25.58
C LEU A 9 -19.39 -5.11 -25.10
N LYS A 10 -19.41 -6.39 -25.44
CA LYS A 10 -18.33 -7.29 -25.04
C LYS A 10 -17.11 -7.09 -25.91
N MET A 11 -17.34 -6.67 -27.16
CA MET A 11 -16.24 -6.44 -28.10
C MET A 11 -15.69 -5.03 -27.94
N SER A 12 -15.88 -4.45 -26.76
CA SER A 12 -15.41 -3.09 -26.51
C SER A 12 -13.89 -3.09 -26.36
N LYS A 13 -13.28 -1.94 -26.65
CA LYS A 13 -11.84 -1.81 -26.54
C LYS A 13 -11.38 -1.99 -25.10
N ASP A 14 -12.22 -1.57 -24.17
CA ASP A 14 -11.90 -1.69 -22.75
C ASP A 14 -11.75 -3.17 -22.36
N GLU A 15 -12.55 -4.02 -22.98
CA GLU A 15 -12.49 -5.45 -22.68
C GLU A 15 -11.09 -6.00 -22.94
N ILE A 16 -10.45 -5.52 -23.98
CA ILE A 16 -9.10 -5.96 -24.31
C ILE A 16 -8.13 -5.58 -23.21
N LYS A 17 -8.26 -4.36 -22.71
CA LYS A 17 -7.38 -3.89 -21.67
C LYS A 17 -7.47 -4.78 -20.44
N ARG A 18 -8.68 -5.26 -20.15
CA ARG A 18 -8.89 -6.13 -19.00
C ARG A 18 -8.06 -7.40 -19.14
N GLU A 19 -7.93 -7.88 -20.37
CA GLU A 19 -7.17 -9.10 -20.62
C GLU A 19 -5.75 -8.96 -20.10
N TYR A 20 -5.16 -7.79 -20.30
CA TYR A 20 -3.79 -7.55 -19.84
C TYR A 20 -3.72 -7.62 -18.32
N LYS A 21 -4.69 -7.01 -17.65
CA LYS A 21 -4.71 -7.01 -16.19
C LYS A 21 -4.93 -8.42 -15.66
N GLU A 22 -5.45 -9.30 -16.51
CA GLU A 22 -5.72 -10.67 -16.11
C GLU A 22 -4.43 -11.38 -15.74
N MET A 23 -3.35 -11.07 -16.47
CA MET A 23 -2.06 -11.68 -16.19
C MET A 23 -1.56 -11.30 -14.81
N GLU A 24 -1.76 -10.04 -14.43
CA GLU A 24 -1.32 -9.57 -13.13
C GLU A 24 -2.16 -10.19 -12.01
N GLY A 25 -3.47 -10.09 -12.14
CA GLY A 25 -4.37 -10.65 -11.13
C GLY A 25 -4.31 -9.85 -9.84
N SER A 26 -3.52 -8.78 -9.85
CA SER A 26 -3.38 -7.94 -8.67
C SER A 26 -3.19 -8.80 -7.42
N PRO A 27 -2.03 -9.37 -7.25
CA PRO A 27 -1.71 -10.23 -6.07
C PRO A 27 -1.88 -9.48 -4.75
N GLU A 28 -2.35 -10.18 -3.73
CA GLU A 28 -2.53 -9.58 -2.41
C GLU A 28 -1.23 -9.58 -1.64
N ILE A 29 -0.21 -10.24 -2.19
CA ILE A 29 1.08 -10.30 -1.53
C ILE A 29 1.61 -8.89 -1.28
N LYS A 30 1.17 -7.95 -2.10
CA LYS A 30 1.60 -6.56 -1.97
C LYS A 30 1.10 -5.97 -0.66
N SER A 31 -0.10 -6.36 -0.25
CA SER A 31 -0.68 -5.86 0.99
C SER A 31 0.18 -6.26 2.18
N LYS A 32 0.76 -7.46 2.11
CA LYS A 32 1.61 -7.96 3.20
C LYS A 32 2.81 -7.03 3.40
N ARG A 33 3.41 -6.61 2.30
CA ARG A 33 4.57 -5.73 2.36
C ARG A 33 4.18 -4.36 2.90
N ARG A 34 2.98 -3.91 2.54
CA ARG A 34 2.51 -2.61 3.00
C ARG A 34 2.47 -2.54 4.52
N GLN A 35 2.27 -3.69 5.15
CA GLN A 35 2.21 -3.76 6.61
C GLN A 35 3.43 -3.10 7.22
N PHE A 36 4.59 -3.33 6.63
CA PHE A 36 5.85 -2.75 7.13
C PHE A 36 5.82 -1.23 7.00
N HIS A 37 5.28 -0.76 5.88
CA HIS A 37 5.20 0.68 5.62
C HIS A 37 4.24 1.34 6.62
N GLN A 38 3.22 0.60 7.02
CA GLN A 38 2.24 1.12 7.96
C GLN A 38 2.88 1.41 9.31
N GLU A 39 3.97 0.71 9.60
CA GLU A 39 4.67 0.89 10.86
C GLU A 39 5.29 2.28 10.93
N ILE A 40 5.75 2.78 9.78
CA ILE A 40 6.37 4.11 9.72
C ILE A 40 5.33 5.18 10.07
N GLN A 41 4.14 5.04 9.51
CA GLN A 41 3.07 6.00 9.75
C GLN A 41 2.72 6.05 11.23
N SER A 42 3.16 5.03 11.97
CA SER A 42 2.89 4.97 13.40
C SER A 42 3.57 6.12 14.12
N ARG A 43 4.54 6.75 13.44
CA ARG A 43 5.27 7.86 14.02
C ARG A 43 4.39 9.11 14.07
N ASN A 44 3.10 8.93 13.81
CA ASN A 44 2.17 10.06 13.83
C ASN A 44 0.72 9.55 13.73
N MET A 45 0.07 9.44 14.88
CA MET A 45 -1.31 8.97 14.90
C MET A 45 -2.24 10.03 14.31
N ARG A 46 -1.78 11.28 14.32
CA ARG A 46 -2.58 12.37 13.79
C ARG A 46 -2.95 12.11 12.34
N GLU A 47 -2.18 11.26 11.67
CA GLU A 47 -2.44 10.93 10.27
C GLU A 47 -3.79 10.25 10.14
N ASN A 48 -4.32 9.74 11.25
CA ASN A 48 -5.62 9.08 11.24
C ASN A 48 -6.74 10.08 11.00
N VAL A 49 -6.44 11.36 11.18
CA VAL A 49 -7.43 12.42 10.98
C VAL A 49 -6.83 13.56 10.17
N LYS A 50 -7.59 14.07 9.22
CA LYS A 50 -7.13 15.18 8.38
C LYS A 50 -8.21 16.24 8.26
N ARG A 51 -8.17 17.24 9.14
CA ARG A 51 -9.14 18.32 9.12
C ARG A 51 -8.52 19.59 8.55
N SER A 52 -7.32 19.45 7.99
CA SER A 52 -6.61 20.59 7.41
C SER A 52 -7.43 21.19 6.27
N SER A 53 -8.12 20.33 5.52
CA SER A 53 -8.93 20.78 4.40
C SER A 53 -10.36 21.05 4.86
N VAL A 54 -10.65 22.31 5.19
CA VAL A 54 -11.99 22.69 5.64
C VAL A 54 -12.76 23.37 4.52
N VAL A 55 -12.52 24.66 4.34
CA VAL A 55 -13.19 25.42 3.28
C VAL A 55 -12.78 24.90 1.91
N VAL A 56 -11.49 24.57 1.78
CA VAL A 56 -10.98 24.07 0.51
C VAL A 56 -11.53 22.67 0.21
N ALA A 57 -11.90 22.44 -1.03
CA ALA A 57 -12.44 21.15 -1.43
C ALA A 57 -11.35 20.08 -1.42
N ASN A 58 -11.71 18.87 -1.01
CA ASN A 58 -10.75 17.77 -0.96
C ASN A 58 -10.37 17.33 -2.37
N GLY A 1 -16.25 -9.19 34.16
CA GLY A 1 -15.08 -10.08 33.90
C GLY A 1 -15.50 -11.21 32.96
N PRO A 2 -16.08 -10.86 31.84
CA PRO A 2 -16.54 -11.85 30.82
C PRO A 2 -15.38 -12.64 30.22
N LEU A 3 -15.62 -13.91 29.93
CA LEU A 3 -14.58 -14.76 29.35
C LEU A 3 -14.65 -14.70 27.83
N GLY A 4 -15.66 -14.01 27.30
CA GLY A 4 -15.82 -13.87 25.87
C GLY A 4 -14.99 -12.71 25.32
N SER A 5 -14.53 -11.84 26.22
CA SER A 5 -13.73 -10.70 25.81
C SER A 5 -12.36 -11.15 25.30
N ILE A 6 -11.91 -12.31 25.78
CA ILE A 6 -10.62 -12.84 25.36
C ILE A 6 -10.63 -13.15 23.87
N LYS A 7 -11.71 -13.78 23.41
CA LYS A 7 -11.82 -14.13 22.00
C LYS A 7 -12.25 -12.92 21.18
N GLU A 8 -12.83 -11.93 21.85
CA GLU A 8 -13.29 -10.72 21.18
C GLU A 8 -12.09 -9.93 20.65
N LEU A 9 -11.00 -9.94 21.40
CA LEU A 9 -9.80 -9.22 21.00
C LEU A 9 -9.25 -9.79 19.69
N LYS A 10 -9.24 -11.10 19.59
CA LYS A 10 -8.74 -11.77 18.39
C LYS A 10 -9.58 -11.40 17.18
N MET A 11 -10.90 -11.39 17.37
CA MET A 11 -11.81 -11.06 16.28
C MET A 11 -11.61 -9.61 15.84
N SER A 12 -11.42 -8.73 16.81
CA SER A 12 -11.21 -7.32 16.51
C SER A 12 -9.91 -7.12 15.73
N LYS A 13 -8.90 -7.90 16.07
CA LYS A 13 -7.61 -7.79 15.40
C LYS A 13 -7.75 -8.10 13.91
N ASP A 14 -8.52 -9.14 13.60
CA ASP A 14 -8.73 -9.51 12.20
C ASP A 14 -9.45 -8.40 11.46
N GLU A 15 -10.42 -7.78 12.11
CA GLU A 15 -11.17 -6.69 11.50
C GLU A 15 -10.26 -5.51 11.20
N ILE A 16 -9.38 -5.20 12.16
CA ILE A 16 -8.45 -4.09 11.99
C ILE A 16 -7.50 -4.36 10.83
N LYS A 17 -6.99 -5.59 10.75
CA LYS A 17 -6.06 -5.97 9.69
C LYS A 17 -6.74 -5.86 8.33
N ARG A 18 -7.96 -6.36 8.24
CA ARG A 18 -8.71 -6.31 6.97
C ARG A 18 -9.00 -4.87 6.58
N GLU A 19 -9.29 -4.03 7.58
CA GLU A 19 -9.60 -2.63 7.31
C GLU A 19 -8.58 -2.03 6.36
N TYR A 20 -7.30 -2.27 6.63
CA TYR A 20 -6.24 -1.74 5.78
C TYR A 20 -6.32 -2.36 4.39
N LYS A 21 -6.60 -3.66 4.33
CA LYS A 21 -6.70 -4.35 3.04
C LYS A 21 -7.88 -3.80 2.24
N GLU A 22 -8.99 -3.56 2.92
CA GLU A 22 -10.18 -3.03 2.25
C GLU A 22 -9.92 -1.63 1.72
N MET A 23 -9.16 -0.84 2.47
CA MET A 23 -8.85 0.53 2.06
C MET A 23 -8.12 0.52 0.73
N GLU A 24 -7.04 -0.24 0.63
CA GLU A 24 -6.27 -0.32 -0.60
C GLU A 24 -7.06 -1.05 -1.68
N GLY A 25 -7.58 -2.22 -1.34
CA GLY A 25 -8.36 -3.00 -2.29
C GLY A 25 -7.69 -3.04 -3.66
N SER A 26 -6.63 -3.84 -3.77
CA SER A 26 -5.89 -3.95 -5.02
C SER A 26 -4.69 -4.88 -4.85
N PRO A 27 -3.93 -4.70 -3.80
CA PRO A 27 -2.73 -5.53 -3.53
C PRO A 27 -3.08 -6.84 -2.83
N GLU A 28 -2.94 -7.94 -3.55
CA GLU A 28 -3.25 -9.25 -2.98
C GLU A 28 -2.08 -9.76 -2.15
N ILE A 29 -0.87 -9.69 -2.72
CA ILE A 29 0.33 -10.14 -2.02
C ILE A 29 1.14 -8.95 -1.53
N LYS A 30 1.07 -7.84 -2.27
CA LYS A 30 1.81 -6.65 -1.90
C LYS A 30 1.27 -6.05 -0.60
N SER A 31 0.13 -6.58 -0.15
CA SER A 31 -0.48 -6.10 1.09
C SER A 31 0.41 -6.41 2.28
N LYS A 32 1.08 -7.55 2.25
CA LYS A 32 1.96 -7.94 3.33
C LYS A 32 3.11 -6.95 3.48
N ARG A 33 3.67 -6.53 2.36
CA ARG A 33 4.78 -5.58 2.36
C ARG A 33 4.32 -4.24 2.95
N ARG A 34 3.11 -3.83 2.62
CA ARG A 34 2.58 -2.56 3.11
C ARG A 34 2.56 -2.54 4.63
N GLN A 35 2.32 -3.71 5.23
CA GLN A 35 2.28 -3.79 6.69
C GLN A 35 3.47 -3.08 7.31
N PHE A 36 4.64 -3.30 6.73
CA PHE A 36 5.86 -2.66 7.23
C PHE A 36 5.78 -1.15 7.07
N HIS A 37 5.24 -0.70 5.95
CA HIS A 37 5.12 0.73 5.68
C HIS A 37 4.14 1.38 6.66
N GLN A 38 3.13 0.61 7.07
CA GLN A 38 2.13 1.12 7.99
C GLN A 38 2.75 1.40 9.36
N GLU A 39 3.81 0.67 9.68
CA GLU A 39 4.49 0.86 10.97
C GLU A 39 5.13 2.24 11.04
N ILE A 40 5.78 2.64 9.95
CA ILE A 40 6.42 3.95 9.91
C ILE A 40 5.39 5.07 10.04
N GLN A 41 4.28 4.93 9.33
CA GLN A 41 3.24 5.93 9.37
C GLN A 41 2.62 6.02 10.77
N SER A 42 2.70 4.92 11.51
CA SER A 42 2.15 4.88 12.86
C SER A 42 2.95 5.78 13.79
N ARG A 43 4.16 6.14 13.37
CA ARG A 43 5.02 6.99 14.18
C ARG A 43 4.54 8.44 14.12
N ASN A 44 3.27 8.62 13.78
CA ASN A 44 2.70 9.96 13.68
C ASN A 44 2.66 10.63 15.04
N MET A 45 2.53 11.96 15.05
CA MET A 45 2.49 12.70 16.31
C MET A 45 1.20 12.38 17.06
N ARG A 46 0.10 12.27 16.33
CA ARG A 46 -1.19 11.97 16.94
C ARG A 46 -1.13 10.63 17.68
N GLU A 47 -0.53 9.64 17.03
CA GLU A 47 -0.42 8.31 17.63
C GLU A 47 0.53 8.34 18.82
N ASN A 48 1.37 9.38 18.87
CA ASN A 48 2.33 9.50 19.95
C ASN A 48 1.73 10.30 21.11
N VAL A 49 0.47 10.68 20.96
CA VAL A 49 -0.23 11.44 22.00
C VAL A 49 -0.02 10.79 23.36
N LYS A 50 -0.22 11.56 24.42
CA LYS A 50 -0.05 11.05 25.77
C LYS A 50 -1.06 9.94 26.04
N ARG A 51 -2.30 10.17 25.62
CA ARG A 51 -3.36 9.19 25.81
C ARG A 51 -3.04 7.91 25.05
N SER A 52 -2.20 7.06 25.63
CA SER A 52 -1.83 5.81 24.99
C SER A 52 -1.00 4.95 25.94
N SER A 53 -1.23 5.12 27.23
CA SER A 53 -0.51 4.35 28.24
C SER A 53 -0.83 2.87 28.13
N VAL A 54 0.18 2.03 28.36
CA VAL A 54 -0.02 0.58 28.27
C VAL A 54 -0.25 0.00 29.66
N VAL A 55 0.05 -1.29 29.81
CA VAL A 55 -0.13 -1.96 31.09
C VAL A 55 0.71 -1.28 32.17
N VAL A 56 1.48 -0.27 31.76
CA VAL A 56 2.32 0.45 32.71
C VAL A 56 1.47 1.14 33.77
N ALA A 57 0.36 1.73 33.34
CA ALA A 57 -0.54 2.42 34.26
C ALA A 57 -1.12 1.45 35.28
N ASN A 58 -1.43 0.24 34.82
CA ASN A 58 -1.99 -0.77 35.70
C ASN A 58 -0.91 -1.39 36.57
N GLY A 1 26.29 12.05 4.97
CA GLY A 1 26.17 12.61 3.59
C GLY A 1 24.87 12.13 2.96
N PRO A 2 24.59 12.59 1.77
CA PRO A 2 23.35 12.21 1.03
C PRO A 2 23.39 10.76 0.55
N LEU A 3 22.22 10.16 0.40
CA LEU A 3 22.13 8.78 -0.07
C LEU A 3 20.74 8.49 -0.63
N GLY A 4 19.75 9.21 -0.14
CA GLY A 4 18.38 9.03 -0.60
C GLY A 4 18.10 9.85 -1.85
N SER A 5 19.03 10.74 -2.19
CA SER A 5 18.88 11.58 -3.36
C SER A 5 18.76 10.74 -4.62
N ILE A 6 19.60 9.71 -4.73
CA ILE A 6 19.58 8.84 -5.88
C ILE A 6 18.30 7.98 -5.89
N LYS A 7 17.81 7.66 -4.71
CA LYS A 7 16.60 6.85 -4.58
C LYS A 7 15.42 7.56 -5.23
N GLU A 8 15.33 8.87 -5.01
CA GLU A 8 14.23 9.64 -5.58
C GLU A 8 14.32 9.64 -7.10
N LEU A 9 15.54 9.71 -7.62
CA LEU A 9 15.73 9.72 -9.07
C LEU A 9 15.20 8.43 -9.68
N LYS A 10 15.49 7.30 -9.05
CA LYS A 10 15.05 6.00 -9.54
C LYS A 10 13.53 5.93 -9.53
N MET A 11 12.92 6.46 -8.47
CA MET A 11 11.47 6.45 -8.34
C MET A 11 10.83 7.44 -9.32
N SER A 12 11.37 7.49 -10.54
CA SER A 12 10.85 8.39 -11.55
C SER A 12 9.37 8.13 -11.78
N LYS A 13 8.64 9.18 -12.15
CA LYS A 13 7.20 9.05 -12.39
C LYS A 13 6.94 8.11 -13.56
N ASP A 14 7.81 8.19 -14.57
CA ASP A 14 7.65 7.34 -15.75
C ASP A 14 7.81 5.87 -15.38
N GLU A 15 8.77 5.59 -14.49
CA GLU A 15 9.01 4.22 -14.06
C GLU A 15 7.82 3.69 -13.28
N ILE A 16 7.24 4.54 -12.45
CA ILE A 16 6.09 4.15 -11.64
C ILE A 16 4.87 3.91 -12.53
N LYS A 17 4.86 4.54 -13.70
CA LYS A 17 3.74 4.41 -14.63
C LYS A 17 3.28 2.96 -14.72
N ARG A 18 4.21 2.06 -15.01
CA ARG A 18 3.88 0.66 -15.13
C ARG A 18 3.41 0.08 -13.79
N GLU A 19 4.09 0.48 -12.72
CA GLU A 19 3.77 0.00 -11.39
C GLU A 19 2.33 0.35 -11.05
N TYR A 20 1.77 1.32 -11.75
CA TYR A 20 0.41 1.75 -11.50
C TYR A 20 -0.57 0.61 -11.80
N LYS A 21 -0.29 -0.14 -12.87
CA LYS A 21 -1.14 -1.26 -13.25
C LYS A 21 -1.13 -2.33 -12.16
N GLU A 22 0.03 -2.51 -11.54
CA GLU A 22 0.15 -3.53 -10.48
C GLU A 22 -0.78 -3.20 -9.32
N MET A 23 -1.03 -1.91 -9.11
CA MET A 23 -1.91 -1.48 -8.03
C MET A 23 -3.32 -1.99 -8.25
N GLU A 24 -3.75 -2.02 -9.50
CA GLU A 24 -5.09 -2.50 -9.83
C GLU A 24 -5.21 -3.98 -9.54
N GLY A 25 -4.14 -4.73 -9.77
CA GLY A 25 -4.15 -6.16 -9.53
C GLY A 25 -4.38 -6.46 -8.04
N SER A 26 -3.84 -5.59 -7.18
CA SER A 26 -3.99 -5.77 -5.76
C SER A 26 -3.49 -7.15 -5.32
N PRO A 27 -2.26 -7.45 -5.62
CA PRO A 27 -1.64 -8.76 -5.26
C PRO A 27 -1.42 -8.90 -3.75
N GLU A 28 -1.44 -10.14 -3.28
CA GLU A 28 -1.24 -10.41 -1.86
C GLU A 28 0.17 -9.99 -1.43
N ILE A 29 1.09 -9.98 -2.38
CA ILE A 29 2.47 -9.60 -2.10
C ILE A 29 2.53 -8.15 -1.63
N LYS A 30 1.81 -7.28 -2.32
CA LYS A 30 1.80 -5.87 -1.96
C LYS A 30 1.15 -5.67 -0.59
N SER A 31 0.10 -6.44 -0.32
CA SER A 31 -0.61 -6.33 0.94
C SER A 31 0.32 -6.68 2.10
N LYS A 32 1.23 -7.60 1.86
CA LYS A 32 2.17 -8.01 2.88
C LYS A 32 3.07 -6.85 3.28
N ARG A 33 3.60 -6.15 2.29
CA ARG A 33 4.49 -5.03 2.54
C ARG A 33 3.72 -3.88 3.18
N ARG A 34 2.42 -3.84 2.93
CA ARG A 34 1.58 -2.78 3.47
C ARG A 34 1.58 -2.82 5.00
N GLN A 35 1.49 -4.02 5.56
CA GLN A 35 1.47 -4.19 7.00
C GLN A 35 2.66 -3.49 7.63
N PHE A 36 3.85 -3.72 7.08
CA PHE A 36 5.05 -3.10 7.59
C PHE A 36 5.01 -1.59 7.38
N HIS A 37 4.48 -1.17 6.24
CA HIS A 37 4.40 0.25 5.91
C HIS A 37 3.62 0.99 7.00
N GLN A 38 2.85 0.26 7.78
CA GLN A 38 2.05 0.85 8.84
C GLN A 38 2.96 1.44 9.92
N GLU A 39 4.02 0.72 10.26
CA GLU A 39 4.96 1.18 11.27
C GLU A 39 5.71 2.43 10.78
N ILE A 40 6.01 2.46 9.48
CA ILE A 40 6.72 3.58 8.91
C ILE A 40 5.88 4.85 9.01
N GLN A 41 4.61 4.74 8.70
CA GLN A 41 3.71 5.88 8.76
C GLN A 41 3.60 6.40 10.20
N SER A 42 3.52 5.48 11.15
CA SER A 42 3.42 5.85 12.55
C SER A 42 4.66 6.59 13.00
N ARG A 43 5.83 6.09 12.59
CA ARG A 43 7.10 6.71 12.96
C ARG A 43 7.42 7.86 12.03
N ASN A 44 6.41 8.31 11.27
CA ASN A 44 6.60 9.41 10.33
C ASN A 44 6.88 10.71 11.09
N MET A 45 8.17 11.03 11.25
CA MET A 45 8.55 12.24 11.95
C MET A 45 8.17 13.48 11.14
N ARG A 46 8.24 13.35 9.82
CA ARG A 46 7.91 14.46 8.93
C ARG A 46 6.53 15.01 9.26
N GLU A 47 5.76 14.25 10.02
CA GLU A 47 4.41 14.68 10.40
C GLU A 47 4.48 15.99 11.18
N ASN A 48 5.49 16.13 12.02
CA ASN A 48 5.65 17.33 12.82
C ASN A 48 5.88 18.54 11.92
N VAL A 49 6.68 18.35 10.87
CA VAL A 49 6.97 19.44 9.95
C VAL A 49 5.93 19.48 8.83
N LYS A 50 4.94 20.35 8.98
CA LYS A 50 3.89 20.49 7.98
C LYS A 50 4.33 21.43 6.86
N ARG A 51 5.44 22.13 7.09
CA ARG A 51 5.95 23.06 6.10
C ARG A 51 6.47 22.32 4.86
N SER A 52 6.75 21.03 5.05
CA SER A 52 7.27 20.21 3.95
C SER A 52 6.44 20.44 2.68
N SER A 53 5.39 19.64 2.53
CA SER A 53 4.52 19.77 1.35
C SER A 53 3.24 18.95 1.54
N VAL A 54 2.83 18.78 2.79
CA VAL A 54 1.62 18.02 3.10
C VAL A 54 0.39 18.90 2.93
N VAL A 55 -0.75 18.26 2.64
CA VAL A 55 -1.99 18.99 2.45
C VAL A 55 -2.28 19.87 3.67
N VAL A 56 -1.99 21.16 3.55
CA VAL A 56 -2.23 22.09 4.64
C VAL A 56 -3.69 22.54 4.67
N ALA A 57 -4.29 22.55 5.85
CA ALA A 57 -5.68 22.95 5.99
C ALA A 57 -5.84 24.44 5.67
N ASN A 58 -6.95 24.77 5.02
CA ASN A 58 -7.21 26.16 4.66
C ASN A 58 -7.65 26.96 5.88
N GLY A 1 -1.03 -40.92 -33.02
CA GLY A 1 -0.60 -39.73 -32.24
C GLY A 1 0.88 -39.47 -32.47
N PRO A 2 1.25 -39.25 -33.70
CA PRO A 2 2.67 -38.99 -34.09
C PRO A 2 3.14 -37.60 -33.61
N LEU A 3 2.18 -36.75 -33.29
CA LEU A 3 2.51 -35.40 -32.84
C LEU A 3 2.77 -35.38 -31.34
N GLY A 4 2.61 -36.54 -30.70
CA GLY A 4 2.83 -36.64 -29.27
C GLY A 4 4.29 -36.34 -28.93
N SER A 5 5.19 -36.74 -29.80
CA SER A 5 6.62 -36.50 -29.58
C SER A 5 6.89 -35.01 -29.42
N ILE A 6 6.18 -34.20 -30.20
CA ILE A 6 6.36 -32.75 -30.13
C ILE A 6 5.99 -32.23 -28.76
N LYS A 7 4.88 -32.71 -28.23
CA LYS A 7 4.42 -32.28 -26.91
C LYS A 7 5.43 -32.66 -25.84
N GLU A 8 6.02 -33.84 -25.97
CA GLU A 8 7.01 -34.30 -25.01
C GLU A 8 8.19 -33.33 -24.93
N LEU A 9 8.59 -32.81 -26.08
CA LEU A 9 9.70 -31.86 -26.14
C LEU A 9 9.36 -30.60 -25.36
N LYS A 10 8.11 -30.17 -25.45
CA LYS A 10 7.68 -28.98 -24.76
C LYS A 10 7.91 -29.11 -23.26
N MET A 11 7.58 -30.28 -22.71
CA MET A 11 7.76 -30.53 -21.29
C MET A 11 9.21 -30.87 -20.97
N SER A 12 10.14 -30.16 -21.60
CA SER A 12 11.55 -30.38 -21.38
C SER A 12 11.93 -30.08 -19.93
N LYS A 13 12.98 -30.71 -19.45
CA LYS A 13 13.43 -30.49 -18.06
C LYS A 13 13.80 -29.03 -17.85
N ASP A 14 14.38 -28.41 -18.87
CA ASP A 14 14.76 -27.00 -18.79
C ASP A 14 13.54 -26.13 -18.63
N GLU A 15 12.44 -26.51 -19.27
CA GLU A 15 11.21 -25.75 -19.21
C GLU A 15 10.77 -25.57 -17.76
N ILE A 16 11.24 -26.45 -16.89
CA ILE A 16 10.88 -26.38 -15.48
C ILE A 16 11.23 -25.01 -14.90
N LYS A 17 12.32 -24.43 -15.38
CA LYS A 17 12.75 -23.12 -14.91
C LYS A 17 11.67 -22.08 -15.19
N ARG A 18 11.04 -22.17 -16.34
CA ARG A 18 10.00 -21.22 -16.71
C ARG A 18 8.82 -21.32 -15.75
N GLU A 19 8.49 -22.54 -15.34
CA GLU A 19 7.39 -22.76 -14.42
C GLU A 19 7.69 -22.14 -13.06
N TYR A 20 8.96 -22.24 -12.64
CA TYR A 20 9.37 -21.70 -11.35
C TYR A 20 9.18 -20.18 -11.33
N LYS A 21 9.58 -19.53 -12.42
CA LYS A 21 9.47 -18.07 -12.51
C LYS A 21 8.00 -17.66 -12.50
N GLU A 22 7.14 -18.50 -13.07
CA GLU A 22 5.72 -18.20 -13.13
C GLU A 22 5.13 -18.12 -11.72
N MET A 23 5.63 -18.96 -10.83
CA MET A 23 5.14 -18.98 -9.45
C MET A 23 5.42 -17.64 -8.76
N GLU A 24 6.60 -17.09 -9.02
CA GLU A 24 6.97 -15.82 -8.41
C GLU A 24 6.11 -14.69 -8.96
N GLY A 25 5.51 -14.92 -10.12
CA GLY A 25 4.66 -13.92 -10.75
C GLY A 25 3.45 -13.60 -9.87
N SER A 26 3.10 -12.33 -9.80
CA SER A 26 1.97 -11.90 -8.99
C SER A 26 2.05 -12.50 -7.59
N PRO A 27 3.08 -12.17 -6.86
CA PRO A 27 3.28 -12.68 -5.47
C PRO A 27 2.34 -12.02 -4.47
N GLU A 28 2.02 -12.75 -3.41
CA GLU A 28 1.13 -12.22 -2.38
C GLU A 28 1.90 -11.27 -1.44
N ILE A 29 3.21 -11.23 -1.60
CA ILE A 29 4.06 -10.39 -0.76
C ILE A 29 3.59 -8.94 -0.83
N LYS A 30 2.82 -8.61 -1.86
CA LYS A 30 2.32 -7.24 -2.04
C LYS A 30 1.37 -6.89 -0.91
N SER A 31 0.60 -7.87 -0.44
CA SER A 31 -0.34 -7.66 0.64
C SER A 31 0.39 -7.26 1.92
N LYS A 32 1.50 -7.95 2.20
CA LYS A 32 2.28 -7.67 3.39
C LYS A 32 2.88 -6.27 3.33
N ARG A 33 3.14 -5.79 2.12
CA ARG A 33 3.71 -4.47 1.93
C ARG A 33 2.76 -3.42 2.49
N ARG A 34 1.47 -3.64 2.29
CA ARG A 34 0.46 -2.70 2.76
C ARG A 34 0.52 -2.58 4.28
N GLN A 35 0.69 -3.71 4.96
CA GLN A 35 0.74 -3.71 6.41
C GLN A 35 1.98 -2.97 6.90
N PHE A 36 3.04 -3.02 6.11
CA PHE A 36 4.29 -2.34 6.47
C PHE A 36 4.08 -0.84 6.57
N HIS A 37 3.34 -0.28 5.60
CA HIS A 37 3.09 1.15 5.59
C HIS A 37 2.72 1.63 6.99
N GLN A 38 2.26 0.73 7.83
CA GLN A 38 1.89 1.07 9.20
C GLN A 38 3.13 1.43 10.01
N GLU A 39 4.22 0.70 9.79
CA GLU A 39 5.46 0.93 10.51
C GLU A 39 6.02 2.31 10.17
N ILE A 40 5.55 2.86 9.05
CA ILE A 40 6.01 4.18 8.63
C ILE A 40 6.13 5.13 9.81
N GLN A 41 5.36 4.86 10.86
CA GLN A 41 5.39 5.70 12.04
C GLN A 41 6.79 5.75 12.65
N SER A 42 7.44 4.59 12.70
CA SER A 42 8.79 4.51 13.26
C SER A 42 9.76 5.33 12.43
N ARG A 43 9.60 5.27 11.11
CA ARG A 43 10.46 6.01 10.19
C ARG A 43 9.73 7.19 9.59
N ASN A 44 8.81 7.77 10.36
CA ASN A 44 8.03 8.91 9.89
C ASN A 44 8.95 10.04 9.44
N MET A 45 8.37 11.20 9.16
CA MET A 45 9.15 12.34 8.72
C MET A 45 10.05 12.86 9.84
N ARG A 46 9.55 12.77 11.07
CA ARG A 46 10.30 13.24 12.22
C ARG A 46 11.63 12.49 12.33
N GLU A 47 11.59 11.18 12.16
CA GLU A 47 12.80 10.37 12.23
C GLU A 47 13.63 10.52 10.96
N ASN A 48 12.96 10.69 9.83
CA ASN A 48 13.64 10.85 8.55
C ASN A 48 13.93 12.31 8.28
N VAL A 49 13.58 13.17 9.24
CA VAL A 49 13.79 14.60 9.10
C VAL A 49 15.22 14.88 8.64
N LYS A 50 15.37 15.77 7.68
CA LYS A 50 16.70 16.12 7.16
C LYS A 50 17.20 17.41 7.80
N ARG A 51 18.44 17.39 8.26
CA ARG A 51 19.04 18.56 8.89
C ARG A 51 19.86 19.36 7.88
N SER A 52 20.80 18.69 7.22
CA SER A 52 21.65 19.34 6.24
C SER A 52 20.81 19.93 5.11
N SER A 53 19.82 19.18 4.65
CA SER A 53 18.95 19.65 3.59
C SER A 53 19.78 20.22 2.43
N VAL A 54 21.06 19.90 2.43
CA VAL A 54 21.96 20.38 1.38
C VAL A 54 21.62 19.71 0.05
N VAL A 55 21.28 18.43 0.11
CA VAL A 55 20.93 17.68 -1.10
C VAL A 55 19.66 18.27 -1.70
N VAL A 56 18.68 18.55 -0.84
CA VAL A 56 17.41 19.13 -1.29
C VAL A 56 17.08 20.35 -0.46
N ALA A 57 16.71 21.43 -1.14
CA ALA A 57 16.37 22.68 -0.46
C ALA A 57 15.40 23.50 -1.30
N ASN A 58 14.59 24.32 -0.64
CA ASN A 58 13.62 25.16 -1.32
C ASN A 58 14.33 26.11 -2.30
N GLY A 1 -1.75 16.10 -37.76
CA GLY A 1 -0.93 16.45 -36.56
C GLY A 1 0.17 15.41 -36.37
N PRO A 2 1.05 15.64 -35.44
CA PRO A 2 2.18 14.71 -35.14
C PRO A 2 1.70 13.43 -34.49
N LEU A 3 2.47 12.36 -34.67
CA LEU A 3 2.12 11.06 -34.07
C LEU A 3 3.03 10.75 -32.90
N GLY A 4 2.42 10.45 -31.76
CA GLY A 4 3.18 10.13 -30.54
C GLY A 4 3.42 8.63 -30.42
N SER A 5 2.64 7.85 -31.17
CA SER A 5 2.77 6.40 -31.13
C SER A 5 4.17 5.98 -31.56
N ILE A 6 4.66 6.60 -32.63
CA ILE A 6 5.99 6.28 -33.13
C ILE A 6 7.07 6.70 -32.13
N LYS A 7 6.91 7.89 -31.57
CA LYS A 7 7.87 8.40 -30.60
C LYS A 7 7.90 7.52 -29.36
N GLU A 8 6.72 7.18 -28.84
CA GLU A 8 6.62 6.34 -27.65
C GLU A 8 6.74 4.88 -28.03
N LEU A 9 7.17 4.61 -29.26
CA LEU A 9 7.32 3.25 -29.73
C LEU A 9 8.35 2.51 -28.87
N LYS A 10 9.46 3.18 -28.58
CA LYS A 10 10.52 2.58 -27.78
C LYS A 10 10.02 2.27 -26.37
N MET A 11 9.25 3.20 -25.81
CA MET A 11 8.72 3.02 -24.47
C MET A 11 7.61 1.97 -24.47
N SER A 12 7.16 1.60 -25.66
CA SER A 12 6.10 0.61 -25.79
C SER A 12 4.86 1.04 -25.00
N LYS A 13 3.80 1.36 -25.71
CA LYS A 13 2.57 1.78 -25.08
C LYS A 13 2.01 0.67 -24.20
N ASP A 14 2.19 -0.57 -24.64
CA ASP A 14 1.69 -1.72 -23.89
C ASP A 14 2.39 -1.81 -22.54
N GLU A 15 3.68 -1.49 -22.52
CA GLU A 15 4.45 -1.54 -21.29
C GLU A 15 3.85 -0.62 -20.23
N ILE A 16 3.46 0.59 -20.65
CA ILE A 16 2.87 1.56 -19.73
C ILE A 16 1.55 1.02 -19.18
N LYS A 17 0.75 0.43 -20.04
CA LYS A 17 -0.54 -0.11 -19.63
C LYS A 17 -0.37 -1.19 -18.58
N ARG A 18 0.65 -2.02 -18.77
CA ARG A 18 0.93 -3.11 -17.83
C ARG A 18 1.26 -2.57 -16.44
N GLU A 19 2.02 -1.49 -16.40
CA GLU A 19 2.41 -0.90 -15.13
C GLU A 19 1.22 -0.78 -14.20
N TYR A 20 0.05 -0.50 -14.77
CA TYR A 20 -1.16 -0.37 -13.97
C TYR A 20 -1.49 -1.68 -13.27
N LYS A 21 -1.34 -2.79 -14.00
CA LYS A 21 -1.62 -4.10 -13.43
C LYS A 21 -0.66 -4.42 -12.29
N GLU A 22 0.58 -3.95 -12.43
CA GLU A 22 1.60 -4.18 -11.41
C GLU A 22 1.18 -3.56 -10.09
N MET A 23 0.48 -2.43 -10.17
CA MET A 23 0.02 -1.74 -8.97
C MET A 23 -0.96 -2.62 -8.19
N GLU A 24 -1.84 -3.30 -8.91
CA GLU A 24 -2.83 -4.16 -8.28
C GLU A 24 -2.14 -5.38 -7.66
N GLY A 25 -1.07 -5.84 -8.30
CA GLY A 25 -0.34 -6.99 -7.81
C GLY A 25 -1.15 -8.28 -8.01
N SER A 26 -1.21 -9.10 -6.97
CA SER A 26 -1.95 -10.35 -7.03
C SER A 26 -1.66 -11.20 -5.80
N PRO A 27 -0.43 -11.58 -5.60
CA PRO A 27 0.00 -12.41 -4.44
C PRO A 27 -0.26 -11.69 -3.11
N GLU A 28 -0.50 -12.48 -2.06
CA GLU A 28 -0.75 -11.91 -0.74
C GLU A 28 0.44 -11.10 -0.26
N ILE A 29 1.61 -11.38 -0.84
CA ILE A 29 2.82 -10.66 -0.46
C ILE A 29 2.64 -9.17 -0.67
N LYS A 30 1.71 -8.80 -1.55
CA LYS A 30 1.46 -7.40 -1.83
C LYS A 30 0.90 -6.70 -0.60
N SER A 31 -0.03 -7.36 0.09
CA SER A 31 -0.64 -6.80 1.28
C SER A 31 0.38 -6.64 2.39
N LYS A 32 1.40 -7.48 2.37
CA LYS A 32 2.45 -7.44 3.37
C LYS A 32 3.18 -6.09 3.31
N ARG A 33 3.42 -5.61 2.10
CA ARG A 33 4.11 -4.33 1.92
C ARG A 33 3.25 -3.19 2.44
N ARG A 34 1.95 -3.29 2.21
CA ARG A 34 1.03 -2.24 2.65
C ARG A 34 1.13 -2.03 4.16
N GLN A 35 1.12 -3.13 4.91
CA GLN A 35 1.22 -3.04 6.36
C GLN A 35 2.65 -2.71 6.78
N PHE A 36 3.62 -3.08 5.94
CA PHE A 36 5.02 -2.82 6.24
C PHE A 36 5.28 -1.32 6.34
N HIS A 37 4.75 -0.57 5.38
CA HIS A 37 4.92 0.88 5.37
C HIS A 37 4.17 1.53 6.52
N GLN A 38 3.09 0.88 6.95
CA GLN A 38 2.27 1.40 8.04
C GLN A 38 3.04 1.38 9.35
N GLU A 39 4.06 0.52 9.41
CA GLU A 39 4.88 0.40 10.62
C GLU A 39 5.64 1.69 10.87
N ILE A 40 6.14 2.31 9.80
CA ILE A 40 6.88 3.55 9.92
C ILE A 40 5.98 4.67 10.46
N GLN A 41 4.76 4.75 9.93
CA GLN A 41 3.82 5.76 10.36
C GLN A 41 3.50 5.61 11.84
N SER A 42 3.72 4.41 12.37
CA SER A 42 3.46 4.14 13.77
C SER A 42 4.37 4.97 14.66
N ARG A 43 5.45 5.48 14.08
CA ARG A 43 6.40 6.29 14.84
C ARG A 43 5.83 7.69 15.08
N ASN A 44 4.51 7.80 15.05
CA ASN A 44 3.85 9.09 15.25
C ASN A 44 4.13 9.61 16.66
N MET A 45 4.45 10.89 16.74
CA MET A 45 4.75 11.52 18.03
C MET A 45 3.50 11.59 18.89
N ARG A 46 2.35 11.85 18.25
CA ARG A 46 1.09 11.95 18.97
C ARG A 46 0.79 10.67 19.72
N GLU A 47 1.23 9.54 19.17
CA GLU A 47 1.00 8.24 19.79
C GLU A 47 1.49 8.25 21.24
N ASN A 48 2.42 9.16 21.54
CA ASN A 48 2.97 9.25 22.89
C ASN A 48 1.88 9.61 23.89
N VAL A 49 0.99 10.51 23.49
CA VAL A 49 -0.10 10.94 24.37
C VAL A 49 -1.42 10.31 23.93
N LYS A 50 -2.14 9.73 24.89
CA LYS A 50 -3.41 9.09 24.59
C LYS A 50 -4.54 10.11 24.60
N ARG A 51 -4.23 11.33 24.18
CA ARG A 51 -5.22 12.40 24.13
C ARG A 51 -5.74 12.70 25.54
N SER A 52 -4.81 12.88 26.48
CA SER A 52 -5.20 13.17 27.86
C SER A 52 -6.38 12.31 28.28
N SER A 53 -6.09 11.11 28.78
CA SER A 53 -7.14 10.19 29.22
C SER A 53 -6.57 9.16 30.17
N VAL A 54 -6.58 9.48 31.46
CA VAL A 54 -6.06 8.55 32.47
C VAL A 54 -7.02 8.47 33.65
N VAL A 55 -7.31 7.24 34.09
CA VAL A 55 -8.22 7.03 35.21
C VAL A 55 -9.40 7.99 35.13
N VAL A 56 -10.35 7.68 34.26
CA VAL A 56 -11.53 8.54 34.10
C VAL A 56 -12.77 7.68 33.85
N ALA A 57 -13.91 8.16 34.33
CA ALA A 57 -15.16 7.43 34.15
C ALA A 57 -15.06 6.03 34.76
N ASN A 58 -15.88 5.76 35.76
CA ASN A 58 -15.88 4.45 36.41
C ASN A 58 -16.47 3.39 35.49
N GLY A 1 4.93 -26.07 4.08
CA GLY A 1 5.09 -24.77 4.80
C GLY A 1 6.02 -24.95 5.99
N PRO A 2 7.18 -25.50 5.76
CA PRO A 2 8.19 -25.75 6.83
C PRO A 2 8.71 -24.43 7.42
N LEU A 3 9.01 -24.46 8.71
CA LEU A 3 9.52 -23.26 9.39
C LEU A 3 11.04 -23.18 9.24
N GLY A 4 11.70 -24.35 9.21
CA GLY A 4 13.15 -24.39 9.08
C GLY A 4 13.62 -23.63 7.84
N SER A 5 12.70 -23.47 6.89
CA SER A 5 13.02 -22.76 5.65
C SER A 5 13.41 -21.31 5.95
N ILE A 6 13.00 -20.82 7.11
CA ILE A 6 13.31 -19.44 7.49
C ILE A 6 14.81 -19.25 7.66
N LYS A 7 15.46 -20.23 8.29
CA LYS A 7 16.90 -20.16 8.51
C LYS A 7 17.64 -20.16 7.18
N GLU A 8 17.15 -20.95 6.23
CA GLU A 8 17.77 -21.04 4.92
C GLU A 8 17.90 -19.65 4.30
N LEU A 9 17.17 -18.70 4.87
CA LEU A 9 17.20 -17.33 4.38
C LEU A 9 18.62 -16.77 4.51
N LYS A 10 19.25 -17.02 5.64
CA LYS A 10 20.60 -16.53 5.88
C LYS A 10 21.56 -17.13 4.86
N MET A 11 21.38 -18.41 4.57
CA MET A 11 22.25 -19.09 3.62
C MET A 11 22.11 -18.44 2.24
N SER A 12 20.88 -18.09 1.88
CA SER A 12 20.61 -17.47 0.59
C SER A 12 20.82 -15.97 0.68
N LYS A 13 22.08 -15.55 0.67
CA LYS A 13 22.40 -14.13 0.74
C LYS A 13 21.89 -13.40 -0.49
N ASP A 14 21.92 -14.07 -1.63
CA ASP A 14 21.45 -13.48 -2.88
C ASP A 14 19.97 -13.19 -2.81
N GLU A 15 19.27 -13.91 -1.94
CA GLU A 15 17.83 -13.72 -1.79
C GLU A 15 17.53 -12.31 -1.28
N ILE A 16 18.36 -11.82 -0.38
CA ILE A 16 18.18 -10.48 0.18
C ILE A 16 18.33 -9.43 -0.91
N LYS A 17 19.35 -9.59 -1.74
CA LYS A 17 19.59 -8.64 -2.82
C LYS A 17 18.43 -8.65 -3.81
N ARG A 18 17.93 -9.84 -4.12
CA ARG A 18 16.82 -9.97 -5.06
C ARG A 18 15.56 -9.34 -4.50
N GLU A 19 15.52 -9.18 -3.18
CA GLU A 19 14.35 -8.59 -2.54
C GLU A 19 14.13 -7.17 -3.05
N TYR A 20 15.20 -6.41 -3.19
CA TYR A 20 15.11 -5.03 -3.68
C TYR A 20 14.56 -5.01 -5.09
N LYS A 21 15.04 -5.92 -5.93
CA LYS A 21 14.58 -5.98 -7.31
C LYS A 21 13.10 -6.34 -7.38
N GLU A 22 12.68 -7.25 -6.52
CA GLU A 22 11.29 -7.69 -6.49
C GLU A 22 10.36 -6.49 -6.39
N MET A 23 10.90 -5.35 -6.00
CA MET A 23 10.10 -4.13 -5.88
C MET A 23 9.48 -3.76 -7.22
N GLU A 24 10.27 -3.89 -8.28
CA GLU A 24 9.80 -3.55 -9.62
C GLU A 24 8.74 -4.55 -10.06
N GLY A 25 8.94 -5.82 -9.72
CA GLY A 25 7.99 -6.86 -10.09
C GLY A 25 6.62 -6.60 -9.47
N SER A 26 6.62 -6.16 -8.22
CA SER A 26 5.38 -5.88 -7.52
C SER A 26 4.48 -7.11 -7.50
N PRO A 27 4.95 -8.19 -6.94
CA PRO A 27 4.18 -9.46 -6.85
C PRO A 27 3.00 -9.35 -5.88
N GLU A 28 2.38 -10.48 -5.60
CA GLU A 28 1.24 -10.51 -4.67
C GLU A 28 1.69 -10.14 -3.27
N ILE A 29 2.92 -10.49 -2.92
CA ILE A 29 3.45 -10.19 -1.60
C ILE A 29 3.40 -8.70 -1.33
N LYS A 30 2.97 -7.94 -2.33
CA LYS A 30 2.88 -6.48 -2.18
C LYS A 30 1.82 -6.12 -1.14
N SER A 31 0.78 -6.94 -1.06
CA SER A 31 -0.30 -6.69 -0.11
C SER A 31 0.21 -6.80 1.32
N LYS A 32 1.15 -7.71 1.55
CA LYS A 32 1.72 -7.91 2.87
C LYS A 32 2.48 -6.67 3.32
N ARG A 33 3.08 -5.97 2.34
CA ARG A 33 3.85 -4.77 2.65
C ARG A 33 2.96 -3.68 3.23
N ARG A 34 1.67 -3.77 2.96
CA ARG A 34 0.71 -2.79 3.45
C ARG A 34 0.68 -2.79 4.97
N GLN A 35 0.84 -3.96 5.56
CA GLN A 35 0.83 -4.09 7.02
C GLN A 35 1.98 -3.32 7.64
N PHE A 36 3.12 -3.33 6.96
CA PHE A 36 4.31 -2.63 7.46
C PHE A 36 4.08 -1.13 7.45
N HIS A 37 3.13 -0.67 6.65
CA HIS A 37 2.82 0.75 6.55
C HIS A 37 2.84 1.38 7.94
N GLN A 38 2.57 0.57 8.95
CA GLN A 38 2.55 1.05 10.33
C GLN A 38 3.94 1.48 10.75
N GLU A 39 4.94 0.70 10.36
CA GLU A 39 6.31 1.01 10.72
C GLU A 39 6.74 2.30 10.02
N ILE A 40 6.37 2.43 8.75
CA ILE A 40 6.71 3.61 7.98
C ILE A 40 5.97 4.83 8.50
N GLN A 41 4.80 4.59 9.10
CA GLN A 41 4.00 5.69 9.64
C GLN A 41 4.74 6.39 10.77
N SER A 42 5.34 5.61 11.66
CA SER A 42 6.08 6.16 12.79
C SER A 42 7.34 6.87 12.31
N ARG A 43 7.74 6.57 11.08
CA ARG A 43 8.94 7.18 10.50
C ARG A 43 8.58 8.45 9.74
N ASN A 44 7.33 8.87 9.85
CA ASN A 44 6.87 10.07 9.17
C ASN A 44 7.52 11.31 9.78
N MET A 45 8.83 11.40 9.67
CA MET A 45 9.56 12.55 10.20
C MET A 45 9.22 13.82 9.43
N ARG A 46 9.06 13.68 8.12
CA ARG A 46 8.74 14.83 7.28
C ARG A 46 7.38 15.41 7.67
N GLU A 47 6.44 14.55 8.01
CA GLU A 47 5.11 15.00 8.40
C GLU A 47 5.18 15.95 9.58
N ASN A 48 6.28 15.87 10.33
CA ASN A 48 6.46 16.73 11.49
C ASN A 48 6.53 18.20 11.06
N VAL A 49 7.23 18.44 9.95
CA VAL A 49 7.37 19.80 9.45
C VAL A 49 6.12 20.21 8.68
N LYS A 50 5.59 21.40 8.98
CA LYS A 50 4.39 21.89 8.30
C LYS A 50 4.72 23.14 7.50
N ARG A 51 4.97 22.97 6.21
CA ARG A 51 5.28 24.10 5.36
C ARG A 51 4.11 25.07 5.31
N SER A 52 2.91 24.54 5.14
CA SER A 52 1.71 25.36 5.08
C SER A 52 0.49 24.55 5.52
N SER A 53 0.75 23.46 6.23
CA SER A 53 -0.34 22.60 6.70
C SER A 53 -0.95 23.16 7.98
N VAL A 54 -0.33 24.22 8.50
CA VAL A 54 -0.82 24.85 9.73
C VAL A 54 -2.20 25.44 9.49
N VAL A 55 -2.39 26.08 8.34
CA VAL A 55 -3.68 26.69 8.00
C VAL A 55 -4.15 26.18 6.65
N VAL A 56 -5.42 25.76 6.59
CA VAL A 56 -6.00 25.26 5.34
C VAL A 56 -7.15 26.15 4.89
N ALA A 57 -8.01 26.53 5.84
CA ALA A 57 -9.15 27.38 5.52
C ALA A 57 -9.85 27.83 6.79
N ASN A 58 -9.90 29.14 7.00
CA ASN A 58 -10.53 29.71 8.19
C ASN A 58 -10.62 31.22 8.09
N GLY A 1 2.86 -12.99 34.33
CA GLY A 1 4.31 -12.95 33.98
C GLY A 1 4.50 -12.18 32.67
N PRO A 2 5.72 -11.93 32.29
CA PRO A 2 6.05 -11.20 31.03
C PRO A 2 5.62 -11.98 29.80
N LEU A 3 5.41 -13.28 29.96
CA LEU A 3 5.02 -14.12 28.83
C LEU A 3 3.51 -14.04 28.61
N GLY A 4 2.83 -13.31 29.50
CA GLY A 4 1.39 -13.15 29.38
C GLY A 4 1.03 -12.09 28.34
N SER A 5 2.05 -11.38 27.86
CA SER A 5 1.84 -10.34 26.87
C SER A 5 1.23 -10.93 25.60
N ILE A 6 1.73 -12.09 25.19
CA ILE A 6 1.23 -12.74 23.98
C ILE A 6 -0.27 -12.99 24.10
N LYS A 7 -0.70 -13.36 25.30
CA LYS A 7 -2.11 -13.65 25.53
C LYS A 7 -2.95 -12.41 25.24
N GLU A 8 -2.42 -11.24 25.57
CA GLU A 8 -3.15 -9.99 25.33
C GLU A 8 -3.51 -9.86 23.86
N LEU A 9 -2.57 -10.18 22.99
CA LEU A 9 -2.80 -10.08 21.55
C LEU A 9 -3.94 -11.02 21.13
N LYS A 10 -3.95 -12.21 21.70
CA LYS A 10 -4.98 -13.18 21.38
C LYS A 10 -6.36 -12.64 21.74
N MET A 11 -6.44 -11.97 22.88
CA MET A 11 -7.71 -11.41 23.34
C MET A 11 -8.19 -10.32 22.38
N SER A 12 -7.34 -9.97 21.42
CA SER A 12 -7.68 -8.95 20.45
C SER A 12 -8.75 -9.45 19.49
N LYS A 13 -10.01 -9.39 19.93
CA LYS A 13 -11.12 -9.86 19.10
C LYS A 13 -11.24 -9.00 17.84
N ASP A 14 -11.00 -7.70 17.98
CA ASP A 14 -11.10 -6.79 16.86
C ASP A 14 -10.06 -7.16 15.79
N GLU A 15 -8.89 -7.59 16.23
CA GLU A 15 -7.82 -7.97 15.31
C GLU A 15 -8.35 -8.94 14.25
N ILE A 16 -9.38 -9.70 14.61
CA ILE A 16 -9.96 -10.66 13.67
C ILE A 16 -10.55 -9.95 12.46
N LYS A 17 -11.25 -8.85 12.71
CA LYS A 17 -11.87 -8.10 11.63
C LYS A 17 -10.82 -7.58 10.67
N ARG A 18 -9.68 -7.16 11.22
CA ARG A 18 -8.60 -6.64 10.39
C ARG A 18 -8.09 -7.72 9.45
N GLU A 19 -8.04 -8.95 9.94
CA GLU A 19 -7.57 -10.07 9.12
C GLU A 19 -8.52 -10.31 7.96
N TYR A 20 -9.81 -10.06 8.17
CA TYR A 20 -10.81 -10.24 7.13
C TYR A 20 -10.57 -9.27 5.98
N LYS A 21 -9.83 -8.21 6.26
CA LYS A 21 -9.53 -7.21 5.24
C LYS A 21 -8.68 -7.81 4.13
N GLU A 22 -7.78 -8.71 4.51
CA GLU A 22 -6.89 -9.36 3.54
C GLU A 22 -7.59 -10.52 2.87
N MET A 23 -8.78 -10.85 3.36
CA MET A 23 -9.54 -11.96 2.80
C MET A 23 -9.86 -11.71 1.32
N GLU A 24 -10.31 -10.50 1.02
CA GLU A 24 -10.65 -10.13 -0.35
C GLU A 24 -9.38 -10.04 -1.20
N GLY A 25 -8.30 -9.58 -0.60
CA GLY A 25 -7.04 -9.45 -1.32
C GLY A 25 -6.56 -10.81 -1.80
N SER A 26 -6.06 -10.85 -3.03
CA SER A 26 -5.55 -12.08 -3.61
C SER A 26 -4.06 -12.23 -3.32
N PRO A 27 -3.32 -11.17 -3.48
CA PRO A 27 -1.85 -11.17 -3.25
C PRO A 27 -1.50 -10.91 -1.79
N GLU A 28 -1.11 -11.97 -1.09
CA GLU A 28 -0.74 -11.84 0.32
C GLU A 28 0.57 -11.05 0.46
N ILE A 29 1.45 -11.22 -0.52
CA ILE A 29 2.73 -10.54 -0.50
C ILE A 29 2.54 -9.02 -0.54
N LYS A 30 1.64 -8.58 -1.40
CA LYS A 30 1.37 -7.15 -1.53
C LYS A 30 0.82 -6.58 -0.24
N SER A 31 -0.02 -7.37 0.44
CA SER A 31 -0.61 -6.94 1.70
C SER A 31 0.48 -6.69 2.74
N LYS A 32 1.47 -7.57 2.76
CA LYS A 32 2.57 -7.44 3.71
C LYS A 32 3.33 -6.13 3.47
N ARG A 33 3.54 -5.80 2.21
CA ARG A 33 4.24 -4.58 1.86
C ARG A 33 3.47 -3.36 2.30
N ARG A 34 2.16 -3.40 2.11
CA ARG A 34 1.30 -2.30 2.51
C ARG A 34 1.40 -2.05 4.01
N GLN A 35 1.36 -3.12 4.79
CA GLN A 35 1.44 -3.02 6.25
C GLN A 35 2.83 -2.54 6.66
N PHE A 36 3.84 -2.90 5.87
CA PHE A 36 5.21 -2.50 6.17
C PHE A 36 5.34 -0.98 6.16
N HIS A 37 4.77 -0.35 5.14
CA HIS A 37 4.82 1.10 5.02
C HIS A 37 4.04 1.77 6.13
N GLN A 38 2.87 1.21 6.45
CA GLN A 38 2.02 1.74 7.51
C GLN A 38 2.70 1.54 8.87
N GLU A 39 3.57 0.54 8.94
CA GLU A 39 4.28 0.25 10.19
C GLU A 39 5.22 1.39 10.55
N ILE A 40 5.66 2.12 9.53
CA ILE A 40 6.58 3.24 9.74
C ILE A 40 5.90 4.31 10.60
N GLN A 41 4.65 4.62 10.27
CA GLN A 41 3.91 5.63 11.02
C GLN A 41 3.71 5.20 12.46
N SER A 42 3.41 3.92 12.66
CA SER A 42 3.21 3.39 14.00
C SER A 42 4.51 3.43 14.79
N ARG A 43 5.62 3.62 14.08
CA ARG A 43 6.91 3.67 14.73
C ARG A 43 6.94 4.77 15.79
N ASN A 44 6.37 5.91 15.46
CA ASN A 44 6.34 7.04 16.40
C ASN A 44 5.43 8.15 15.87
N MET A 45 4.13 7.87 15.84
CA MET A 45 3.17 8.86 15.36
C MET A 45 3.04 10.00 16.36
N ARG A 46 3.47 9.74 17.60
CA ARG A 46 3.42 10.74 18.65
C ARG A 46 4.22 11.98 18.26
N GLU A 47 5.06 11.83 17.24
CA GLU A 47 5.88 12.94 16.78
C GLU A 47 5.01 14.08 16.26
N ASN A 48 3.78 13.74 15.89
CA ASN A 48 2.86 14.75 15.37
C ASN A 48 2.47 15.74 16.46
N VAL A 49 2.73 15.35 17.71
CA VAL A 49 2.39 16.21 18.85
C VAL A 49 3.36 17.38 18.93
N LYS A 50 2.82 18.59 19.12
CA LYS A 50 3.65 19.77 19.21
C LYS A 50 4.69 19.80 18.09
N ARG A 51 4.23 20.05 16.87
CA ARG A 51 5.12 20.10 15.72
C ARG A 51 5.87 21.43 15.67
N SER A 52 7.04 21.42 15.06
CA SER A 52 7.85 22.63 14.95
C SER A 52 7.37 23.50 13.80
N SER A 53 6.07 23.81 13.81
CA SER A 53 5.49 24.64 12.75
C SER A 53 5.62 26.11 13.11
N VAL A 54 6.05 26.40 14.33
CA VAL A 54 6.21 27.77 14.78
C VAL A 54 7.27 28.49 13.92
N VAL A 55 8.24 27.73 13.44
CA VAL A 55 9.30 28.29 12.62
C VAL A 55 8.73 28.86 11.31
N VAL A 56 7.72 28.17 10.77
CA VAL A 56 7.10 28.61 9.53
C VAL A 56 8.16 28.88 8.47
N ALA A 57 8.40 27.89 7.61
CA ALA A 57 9.39 28.03 6.56
C ALA A 57 8.98 29.14 5.58
N ASN A 58 7.68 29.24 5.31
CA ASN A 58 7.17 30.26 4.40
C ASN A 58 7.78 30.09 3.01
N GLY A 1 11.68 35.65 -1.55
CA GLY A 1 12.26 34.58 -2.39
C GLY A 1 11.14 33.81 -3.10
N PRO A 2 11.49 32.98 -4.04
CA PRO A 2 10.49 32.16 -4.80
C PRO A 2 9.79 31.13 -3.93
N LEU A 3 10.43 30.78 -2.82
CA LEU A 3 9.87 29.79 -1.90
C LEU A 3 9.25 28.63 -2.68
N GLY A 4 9.74 28.41 -3.90
CA GLY A 4 9.23 27.34 -4.73
C GLY A 4 9.87 26.01 -4.37
N SER A 5 10.89 26.06 -3.52
CA SER A 5 11.59 24.86 -3.10
C SER A 5 10.66 23.92 -2.34
N ILE A 6 9.73 24.50 -1.59
CA ILE A 6 8.78 23.71 -0.83
C ILE A 6 7.86 22.94 -1.76
N LYS A 7 7.46 23.57 -2.85
CA LYS A 7 6.57 22.93 -3.82
C LYS A 7 7.19 21.63 -4.33
N GLU A 8 8.51 21.63 -4.48
CA GLU A 8 9.22 20.45 -4.97
C GLU A 8 8.94 19.25 -4.07
N LEU A 9 8.95 19.48 -2.77
CA LEU A 9 8.70 18.41 -1.80
C LEU A 9 7.29 17.85 -1.98
N LYS A 10 6.33 18.74 -2.21
CA LYS A 10 4.95 18.32 -2.40
C LYS A 10 4.83 17.41 -3.61
N MET A 11 5.49 17.79 -4.70
CA MET A 11 5.44 16.99 -5.92
C MET A 11 6.06 15.61 -5.69
N SER A 12 7.17 15.58 -4.95
CA SER A 12 7.84 14.33 -4.67
C SER A 12 6.92 13.38 -3.92
N LYS A 13 6.11 13.93 -3.01
CA LYS A 13 5.18 13.12 -2.23
C LYS A 13 4.18 12.44 -3.15
N ASP A 14 3.64 13.19 -4.10
CA ASP A 14 2.67 12.64 -5.04
C ASP A 14 3.33 11.61 -5.95
N GLU A 15 4.61 11.79 -6.22
CA GLU A 15 5.34 10.88 -7.08
C GLU A 15 5.41 9.48 -6.47
N ILE A 16 5.84 9.41 -5.22
CA ILE A 16 5.94 8.14 -4.52
C ILE A 16 4.55 7.56 -4.28
N LYS A 17 3.55 8.43 -4.19
CA LYS A 17 2.19 7.99 -3.97
C LYS A 17 1.71 7.09 -5.11
N ARG A 18 2.08 7.46 -6.33
CA ARG A 18 1.69 6.67 -7.50
C ARG A 18 2.28 5.27 -7.42
N GLU A 19 3.53 5.18 -6.99
CA GLU A 19 4.20 3.88 -6.87
C GLU A 19 3.50 3.02 -5.83
N TYR A 20 3.05 3.65 -4.74
CA TYR A 20 2.38 2.93 -3.68
C TYR A 20 1.09 2.29 -4.19
N LYS A 21 0.32 3.07 -4.94
CA LYS A 21 -0.94 2.57 -5.49
C LYS A 21 -0.68 1.45 -6.49
N GLU A 22 0.43 1.56 -7.21
CA GLU A 22 0.79 0.55 -8.21
C GLU A 22 0.91 -0.83 -7.55
N MET A 23 1.37 -0.84 -6.30
CA MET A 23 1.53 -2.09 -5.57
C MET A 23 0.17 -2.77 -5.38
N GLU A 24 -0.85 -1.99 -5.07
CA GLU A 24 -2.18 -2.53 -4.86
C GLU A 24 -2.80 -2.94 -6.19
N GLY A 25 -2.02 -2.85 -7.26
CA GLY A 25 -2.50 -3.22 -8.58
C GLY A 25 -2.99 -4.66 -8.61
N SER A 26 -2.36 -5.48 -9.44
CA SER A 26 -2.73 -6.89 -9.54
C SER A 26 -2.01 -7.71 -8.47
N PRO A 27 -0.74 -7.45 -8.29
CA PRO A 27 0.10 -8.20 -7.30
C PRO A 27 -0.48 -8.10 -5.89
N GLU A 28 -1.04 -9.20 -5.41
CA GLU A 28 -1.62 -9.23 -4.07
C GLU A 28 -0.55 -9.52 -3.03
N ILE A 29 0.60 -10.00 -3.49
CA ILE A 29 1.70 -10.33 -2.58
C ILE A 29 2.22 -9.07 -1.90
N LYS A 30 2.37 -8.00 -2.67
CA LYS A 30 2.87 -6.74 -2.14
C LYS A 30 1.89 -6.13 -1.15
N SER A 31 0.68 -6.69 -1.12
CA SER A 31 -0.36 -6.19 -0.23
C SER A 31 0.06 -6.38 1.23
N LYS A 32 0.75 -7.49 1.51
CA LYS A 32 1.20 -7.78 2.86
C LYS A 32 2.31 -6.81 3.28
N ARG A 33 2.92 -6.16 2.29
CA ARG A 33 3.98 -5.21 2.57
C ARG A 33 3.46 -4.01 3.33
N ARG A 34 2.16 -3.78 3.24
CA ARG A 34 1.54 -2.65 3.95
C ARG A 34 1.71 -2.81 5.45
N GLN A 35 1.58 -4.04 5.93
CA GLN A 35 1.70 -4.31 7.36
C GLN A 35 2.88 -3.54 7.95
N PHE A 36 4.06 -3.75 7.38
CA PHE A 36 5.26 -3.07 7.87
C PHE A 36 5.15 -1.57 7.63
N HIS A 37 4.59 -1.18 6.48
CA HIS A 37 4.45 0.22 6.15
C HIS A 37 3.80 0.99 7.30
N GLN A 38 3.17 0.25 8.21
CA GLN A 38 2.52 0.89 9.35
C GLN A 38 3.55 1.57 10.25
N GLU A 39 4.75 1.01 10.29
CA GLU A 39 5.81 1.57 11.12
C GLU A 39 6.20 2.96 10.62
N ILE A 40 6.29 3.11 9.31
CA ILE A 40 6.66 4.39 8.71
C ILE A 40 5.59 5.44 9.01
N GLN A 41 4.32 5.06 8.87
CA GLN A 41 3.22 5.97 9.13
C GLN A 41 3.20 6.40 10.59
N SER A 42 3.93 5.66 11.43
CA SER A 42 3.98 5.97 12.85
C SER A 42 4.63 7.33 13.08
N ARG A 43 5.40 7.78 12.10
CA ARG A 43 6.09 9.08 12.19
C ARG A 43 5.53 10.05 11.17
N ASN A 44 4.33 9.78 10.68
CA ASN A 44 3.69 10.64 9.70
C ASN A 44 3.40 12.02 10.29
N MET A 45 3.47 12.10 11.61
CA MET A 45 3.21 13.37 12.29
C MET A 45 4.27 14.40 11.95
N ARG A 46 5.52 13.97 11.91
CA ARG A 46 6.63 14.86 11.58
C ARG A 46 6.50 15.36 10.13
N GLU A 47 6.07 14.46 9.25
CA GLU A 47 5.91 14.82 7.84
C GLU A 47 4.55 15.48 7.60
N ASN A 48 3.79 15.63 8.67
CA ASN A 48 2.46 16.25 8.56
C ASN A 48 2.59 17.69 8.08
N VAL A 49 3.58 18.40 8.59
CA VAL A 49 3.79 19.80 8.21
C VAL A 49 2.46 20.53 8.09
N LYS A 50 1.97 21.04 9.22
CA LYS A 50 0.69 21.76 9.24
C LYS A 50 0.81 23.05 10.03
N ARG A 51 2.03 23.33 10.50
CA ARG A 51 2.25 24.54 11.29
C ARG A 51 1.91 25.78 10.46
N SER A 52 2.16 25.70 9.16
CA SER A 52 1.87 26.82 8.27
C SER A 52 2.59 28.08 8.74
N SER A 53 3.38 27.93 9.80
CA SER A 53 4.12 29.06 10.35
C SER A 53 5.42 29.29 9.57
N VAL A 54 5.38 29.00 8.28
CA VAL A 54 6.56 29.18 7.43
C VAL A 54 6.82 30.66 7.17
N VAL A 55 5.79 31.48 7.35
CA VAL A 55 5.92 32.91 7.13
C VAL A 55 6.96 33.52 8.06
N VAL A 56 7.26 32.80 9.14
CA VAL A 56 8.23 33.28 10.12
C VAL A 56 9.60 33.44 9.46
N ALA A 57 9.97 32.49 8.62
CA ALA A 57 11.27 32.53 7.92
C ALA A 57 11.07 32.29 6.43
N ASN A 58 11.86 32.99 5.62
CA ASN A 58 11.78 32.83 4.17
C ASN A 58 12.12 31.40 3.77
N GLY A 1 -34.01 -3.51 -25.48
CA GLY A 1 -34.16 -4.21 -26.79
C GLY A 1 -32.82 -4.20 -27.53
N PRO A 2 -31.90 -5.00 -27.08
CA PRO A 2 -30.55 -5.09 -27.71
C PRO A 2 -30.62 -5.50 -29.16
N LEU A 3 -29.75 -4.92 -29.99
CA LEU A 3 -29.73 -5.24 -31.42
C LEU A 3 -28.50 -6.08 -31.75
N GLY A 4 -27.35 -5.43 -31.87
CA GLY A 4 -26.11 -6.12 -32.18
C GLY A 4 -25.36 -6.51 -30.90
N SER A 5 -25.69 -5.84 -29.80
CA SER A 5 -25.04 -6.11 -28.53
C SER A 5 -25.23 -7.57 -28.14
N ILE A 6 -26.40 -8.12 -28.48
CA ILE A 6 -26.68 -9.52 -28.15
C ILE A 6 -25.73 -10.45 -28.91
N LYS A 7 -25.50 -10.15 -30.17
CA LYS A 7 -24.61 -10.97 -31.00
C LYS A 7 -23.20 -10.96 -30.41
N GLU A 8 -22.79 -9.81 -29.90
CA GLU A 8 -21.46 -9.67 -29.32
C GLU A 8 -21.36 -10.48 -28.02
N LEU A 9 -22.45 -11.11 -27.64
CA LEU A 9 -22.48 -11.91 -26.42
C LEU A 9 -21.47 -13.05 -26.52
N LYS A 10 -21.42 -13.70 -27.68
CA LYS A 10 -20.50 -14.81 -27.88
C LYS A 10 -19.06 -14.35 -27.70
N MET A 11 -18.76 -13.14 -28.17
CA MET A 11 -17.42 -12.59 -28.05
C MET A 11 -17.00 -12.53 -26.59
N SER A 12 -17.89 -12.94 -25.69
CA SER A 12 -17.61 -12.93 -24.26
C SER A 12 -16.35 -13.74 -23.97
N LYS A 13 -15.75 -14.31 -25.00
CA LYS A 13 -14.54 -15.10 -24.84
C LYS A 13 -13.42 -14.25 -24.28
N ASP A 14 -13.28 -13.04 -24.81
CA ASP A 14 -12.24 -12.12 -24.34
C ASP A 14 -12.60 -11.57 -22.97
N GLU A 15 -13.91 -11.54 -22.68
CA GLU A 15 -14.39 -11.01 -21.41
C GLU A 15 -13.87 -11.85 -20.25
N ILE A 16 -14.05 -13.16 -20.35
CA ILE A 16 -13.60 -14.08 -19.32
C ILE A 16 -12.08 -14.02 -19.17
N LYS A 17 -11.39 -13.90 -20.30
CA LYS A 17 -9.93 -13.82 -20.29
C LYS A 17 -9.46 -12.59 -19.53
N ARG A 18 -10.15 -11.48 -19.72
CA ARG A 18 -9.80 -10.25 -19.04
C ARG A 18 -9.94 -10.39 -17.53
N GLU A 19 -10.97 -11.11 -17.11
CA GLU A 19 -11.21 -11.33 -15.69
C GLU A 19 -10.01 -12.03 -15.05
N TYR A 20 -9.42 -12.96 -15.78
CA TYR A 20 -8.27 -13.71 -15.28
C TYR A 20 -7.11 -12.76 -14.98
N LYS A 21 -6.88 -11.81 -15.89
CA LYS A 21 -5.79 -10.86 -15.70
C LYS A 21 -6.03 -9.99 -14.47
N GLU A 22 -7.29 -9.59 -14.27
CA GLU A 22 -7.65 -8.76 -13.14
C GLU A 22 -7.26 -9.46 -11.83
N MET A 23 -7.48 -10.76 -11.76
CA MET A 23 -7.14 -11.51 -10.56
C MET A 23 -5.63 -11.52 -10.35
N GLU A 24 -4.88 -11.64 -11.44
CA GLU A 24 -3.42 -11.64 -11.35
C GLU A 24 -2.92 -10.28 -10.88
N GLY A 25 -3.53 -9.23 -11.42
CA GLY A 25 -3.14 -7.86 -11.05
C GLY A 25 -3.64 -7.51 -9.66
N SER A 26 -3.53 -8.46 -8.74
CA SER A 26 -3.98 -8.24 -7.37
C SER A 26 -3.45 -9.32 -6.45
N PRO A 27 -2.14 -9.45 -6.37
CA PRO A 27 -1.48 -10.46 -5.49
C PRO A 27 -1.57 -10.08 -4.03
N GLU A 28 -1.60 -11.09 -3.16
CA GLU A 28 -1.65 -10.86 -1.73
C GLU A 28 -0.26 -10.62 -1.17
N ILE A 29 0.75 -11.01 -1.95
CA ILE A 29 2.14 -10.85 -1.54
C ILE A 29 2.48 -9.38 -1.38
N LYS A 30 2.06 -8.56 -2.34
CA LYS A 30 2.32 -7.14 -2.28
C LYS A 30 1.57 -6.50 -1.13
N SER A 31 0.41 -7.06 -0.80
CA SER A 31 -0.41 -6.53 0.29
C SER A 31 0.32 -6.68 1.62
N LYS A 32 1.00 -7.82 1.78
CA LYS A 32 1.73 -8.08 3.02
C LYS A 32 2.77 -6.99 3.27
N ARG A 33 3.46 -6.59 2.21
CA ARG A 33 4.49 -5.56 2.33
C ARG A 33 3.87 -4.23 2.76
N ARG A 34 2.68 -3.95 2.25
CA ARG A 34 2.00 -2.71 2.60
C ARG A 34 1.71 -2.66 4.09
N GLN A 35 1.45 -3.81 4.68
CA GLN A 35 1.14 -3.88 6.11
C GLN A 35 2.20 -3.14 6.92
N PHE A 36 3.43 -3.13 6.40
CA PHE A 36 4.52 -2.46 7.09
C PHE A 36 4.32 -0.95 7.09
N HIS A 37 3.48 -0.47 6.18
CA HIS A 37 3.19 0.96 6.09
C HIS A 37 2.95 1.54 7.47
N GLN A 38 2.57 0.69 8.41
CA GLN A 38 2.31 1.12 9.78
C GLN A 38 3.60 1.59 10.45
N GLU A 39 4.70 0.94 10.11
CA GLU A 39 5.99 1.28 10.69
C GLU A 39 6.38 2.71 10.33
N ILE A 40 5.92 3.17 9.18
CA ILE A 40 6.24 4.51 8.74
C ILE A 40 5.66 5.54 9.70
N GLN A 41 4.43 5.31 10.15
CA GLN A 41 3.78 6.23 11.06
C GLN A 41 4.56 6.35 12.36
N SER A 42 5.06 5.23 12.85
CA SER A 42 5.84 5.21 14.08
C SER A 42 7.13 6.01 13.91
N ARG A 43 7.69 5.95 12.70
CA ARG A 43 8.93 6.67 12.41
C ARG A 43 8.71 8.18 12.51
N ASN A 44 7.46 8.59 12.45
CA ASN A 44 7.13 10.01 12.54
C ASN A 44 7.41 10.54 13.94
N MET A 45 8.51 10.09 14.53
CA MET A 45 8.87 10.52 15.87
C MET A 45 9.31 11.99 15.86
N ARG A 46 9.64 12.49 14.68
CA ARG A 46 10.07 13.88 14.54
C ARG A 46 8.98 14.83 15.04
N GLU A 47 7.86 14.26 15.46
CA GLU A 47 6.75 15.08 15.95
C GLU A 47 7.20 15.93 17.14
N ASN A 48 8.11 15.39 17.93
CA ASN A 48 8.61 16.10 19.10
C ASN A 48 9.37 17.36 18.67
N VAL A 49 10.14 17.24 17.59
CA VAL A 49 10.92 18.36 17.08
C VAL A 49 10.06 19.61 17.00
N LYS A 50 8.75 19.43 17.11
CA LYS A 50 7.82 20.55 17.05
C LYS A 50 8.16 21.58 18.12
N ARG A 51 8.39 21.11 19.33
CA ARG A 51 8.73 22.01 20.43
C ARG A 51 9.26 21.21 21.62
N SER A 52 8.43 20.34 22.17
CA SER A 52 8.83 19.53 23.32
C SER A 52 7.83 18.41 23.56
N SER A 53 7.17 17.98 22.49
CA SER A 53 6.17 16.91 22.60
C SER A 53 5.19 17.21 23.73
N VAL A 54 4.74 18.45 23.80
CA VAL A 54 3.80 18.85 24.84
C VAL A 54 2.50 18.07 24.71
N VAL A 55 2.01 17.93 23.48
CA VAL A 55 0.77 17.19 23.23
C VAL A 55 1.05 15.96 22.38
N VAL A 56 0.65 14.80 22.89
CA VAL A 56 0.85 13.53 22.18
C VAL A 56 -0.45 12.72 22.13
N ALA A 57 -0.78 12.20 20.96
CA ALA A 57 -2.00 11.41 20.80
C ALA A 57 -1.89 10.50 19.58
N ASN A 58 -1.78 11.11 18.41
CA ASN A 58 -1.66 10.35 17.17
C ASN A 58 -1.33 11.27 16.00
N GLY A 1 17.65 13.87 -30.73
CA GLY A 1 17.98 13.21 -29.45
C GLY A 1 16.70 12.96 -28.65
N PRO A 2 15.75 12.29 -29.24
CA PRO A 2 14.45 11.97 -28.59
C PRO A 2 14.62 11.02 -27.40
N LEU A 3 15.74 10.31 -27.37
CA LEU A 3 16.02 9.37 -26.29
C LEU A 3 14.76 8.59 -25.93
N GLY A 4 13.82 8.50 -26.88
CA GLY A 4 12.58 7.79 -26.65
C GLY A 4 12.83 6.28 -26.61
N SER A 5 13.98 5.85 -27.15
CA SER A 5 14.33 4.45 -27.16
C SER A 5 14.37 3.89 -25.74
N ILE A 6 14.92 4.67 -24.82
CA ILE A 6 15.01 4.24 -23.44
C ILE A 6 13.61 4.08 -22.83
N LYS A 7 12.74 5.04 -23.10
CA LYS A 7 11.39 5.00 -22.58
C LYS A 7 10.62 3.82 -23.16
N GLU A 8 10.91 3.48 -24.41
CA GLU A 8 10.25 2.38 -25.08
C GLU A 8 10.23 1.16 -24.17
N LEU A 9 11.27 1.01 -23.37
CA LEU A 9 11.37 -0.14 -22.46
C LEU A 9 10.22 -0.13 -21.47
N LYS A 10 9.90 1.05 -20.96
CA LYS A 10 8.82 1.18 -20.00
C LYS A 10 7.50 0.75 -20.62
N MET A 11 7.24 1.21 -21.84
CA MET A 11 6.00 0.87 -22.53
C MET A 11 6.23 -0.27 -23.51
N SER A 12 7.01 -1.26 -23.09
CA SER A 12 7.31 -2.41 -23.94
C SER A 12 6.04 -3.20 -24.23
N LYS A 13 5.91 -3.65 -25.47
CA LYS A 13 4.73 -4.42 -25.87
C LYS A 13 4.66 -5.72 -25.10
N ASP A 14 5.83 -6.33 -24.86
CA ASP A 14 5.89 -7.59 -24.13
C ASP A 14 5.39 -7.41 -22.69
N GLU A 15 5.77 -6.29 -22.08
CA GLU A 15 5.35 -6.01 -20.71
C GLU A 15 3.85 -6.20 -20.55
N ILE A 16 3.14 -6.15 -21.67
CA ILE A 16 1.69 -6.32 -21.64
C ILE A 16 1.31 -7.68 -21.06
N LYS A 17 2.10 -8.69 -21.40
CA LYS A 17 1.83 -10.04 -20.92
C LYS A 17 1.90 -10.08 -19.40
N ARG A 18 2.88 -9.40 -18.83
CA ARG A 18 3.04 -9.36 -17.38
C ARG A 18 1.83 -8.71 -16.72
N GLU A 19 1.32 -7.65 -17.35
CA GLU A 19 0.17 -6.94 -16.82
C GLU A 19 -1.07 -7.83 -16.84
N TYR A 20 -1.18 -8.68 -17.85
CA TYR A 20 -2.33 -9.57 -17.97
C TYR A 20 -2.38 -10.52 -16.78
N LYS A 21 -1.23 -11.08 -16.41
CA LYS A 21 -1.18 -12.01 -15.29
C LYS A 21 -1.60 -11.31 -13.99
N GLU A 22 -1.12 -10.08 -13.80
CA GLU A 22 -1.46 -9.32 -12.61
C GLU A 22 -2.95 -8.98 -12.60
N MET A 23 -3.48 -8.66 -13.76
CA MET A 23 -4.89 -8.30 -13.89
C MET A 23 -5.77 -9.48 -13.50
N GLU A 24 -5.36 -10.68 -13.91
CA GLU A 24 -6.12 -11.88 -13.62
C GLU A 24 -6.11 -12.17 -12.12
N GLY A 25 -4.97 -11.91 -11.49
CA GLY A 25 -4.85 -12.15 -10.05
C GLY A 25 -3.42 -11.86 -9.59
N SER A 26 -3.20 -10.64 -9.11
CA SER A 26 -1.87 -10.26 -8.63
C SER A 26 -1.55 -10.96 -7.31
N PRO A 27 -0.29 -11.05 -6.98
CA PRO A 27 0.17 -11.69 -5.72
C PRO A 27 -0.27 -10.90 -4.48
N GLU A 28 -0.53 -11.61 -3.39
CA GLU A 28 -0.94 -10.97 -2.15
C GLU A 28 0.26 -10.41 -1.40
N ILE A 29 1.46 -10.73 -1.90
CA ILE A 29 2.68 -10.27 -1.26
C ILE A 29 2.65 -8.76 -1.07
N LYS A 30 2.06 -8.07 -2.02
CA LYS A 30 1.98 -6.62 -1.96
C LYS A 30 1.11 -6.17 -0.78
N SER A 31 0.08 -6.96 -0.49
CA SER A 31 -0.81 -6.64 0.63
C SER A 31 -0.05 -6.67 1.95
N LYS A 32 0.77 -7.70 2.13
CA LYS A 32 1.56 -7.83 3.35
C LYS A 32 2.57 -6.70 3.46
N ARG A 33 3.09 -6.26 2.32
CA ARG A 33 4.08 -5.19 2.30
C ARG A 33 3.49 -3.92 2.89
N ARG A 34 2.19 -3.71 2.68
CA ARG A 34 1.52 -2.53 3.19
C ARG A 34 1.61 -2.48 4.71
N GLN A 35 1.51 -3.64 5.34
CA GLN A 35 1.58 -3.72 6.80
C GLN A 35 2.91 -3.17 7.31
N PHE A 36 3.99 -3.57 6.66
CA PHE A 36 5.32 -3.12 7.04
C PHE A 36 5.47 -1.63 6.78
N HIS A 37 4.88 -1.15 5.69
CA HIS A 37 4.95 0.26 5.33
C HIS A 37 4.17 1.11 6.33
N GLN A 38 3.14 0.51 6.92
CA GLN A 38 2.30 1.23 7.88
C GLN A 38 3.11 1.56 9.14
N GLU A 39 4.19 0.81 9.36
CA GLU A 39 5.03 1.03 10.53
C GLU A 39 5.66 2.42 10.47
N ILE A 40 5.65 3.02 9.29
CA ILE A 40 6.23 4.35 9.12
C ILE A 40 5.47 5.37 9.97
N GLN A 41 4.18 5.13 10.16
CA GLN A 41 3.35 6.03 10.94
C GLN A 41 3.85 6.09 12.38
N SER A 42 4.40 4.98 12.86
CA SER A 42 4.91 4.91 14.22
C SER A 42 6.14 5.80 14.39
N ARG A 43 6.61 6.37 13.28
CA ARG A 43 7.78 7.24 13.33
C ARG A 43 7.53 8.43 14.25
N ASN A 44 6.34 9.01 14.16
CA ASN A 44 6.00 10.16 14.99
C ASN A 44 5.99 9.76 16.47
N MET A 45 7.12 9.98 17.13
CA MET A 45 7.25 9.65 18.54
C MET A 45 6.37 10.56 19.39
N ARG A 46 6.28 11.83 18.99
CA ARG A 46 5.46 12.80 19.71
C ARG A 46 4.01 12.34 19.76
N GLU A 47 3.58 11.67 18.71
CA GLU A 47 2.20 11.17 18.65
C GLU A 47 2.02 9.97 19.57
N ASN A 48 3.08 9.19 19.72
CA ASN A 48 3.02 8.01 20.57
C ASN A 48 2.71 8.39 22.02
N VAL A 49 3.32 9.48 22.48
CA VAL A 49 3.09 9.95 23.83
C VAL A 49 1.77 10.69 23.94
N LYS A 50 1.03 10.43 25.01
CA LYS A 50 -0.25 11.08 25.21
C LYS A 50 -0.08 12.59 25.33
N ARG A 51 -0.97 13.32 24.68
CA ARG A 51 -0.92 14.79 24.71
C ARG A 51 -1.38 15.31 26.07
N SER A 52 -1.98 14.43 26.87
CA SER A 52 -2.46 14.82 28.19
C SER A 52 -1.31 15.29 29.06
N SER A 53 -0.11 14.82 28.76
CA SER A 53 1.08 15.20 29.52
C SER A 53 1.27 16.72 29.47
N VAL A 54 1.11 17.30 28.28
CA VAL A 54 1.28 18.73 28.11
C VAL A 54 2.50 19.22 28.86
N VAL A 55 3.67 19.13 28.21
CA VAL A 55 4.93 19.55 28.81
C VAL A 55 4.88 19.39 30.33
N VAL A 56 4.84 18.14 30.79
CA VAL A 56 4.78 17.86 32.21
C VAL A 56 6.03 18.37 32.91
N ALA A 57 7.18 18.15 32.27
CA ALA A 57 8.45 18.59 32.84
C ALA A 57 8.52 20.11 32.91
N ASN A 58 9.09 20.62 33.99
CA ASN A 58 9.20 22.07 34.17
C ASN A 58 10.08 22.39 35.37
N GLY A 1 -12.14 20.38 -32.23
CA GLY A 1 -12.04 20.20 -33.71
C GLY A 1 -12.78 18.93 -34.10
N PRO A 2 -12.88 18.68 -35.39
CA PRO A 2 -13.57 17.47 -35.92
C PRO A 2 -12.78 16.20 -35.66
N LEU A 3 -11.53 16.35 -35.25
CA LEU A 3 -10.68 15.20 -34.98
C LEU A 3 -11.08 14.54 -33.67
N GLY A 4 -11.12 13.22 -33.67
CA GLY A 4 -11.47 12.46 -32.48
C GLY A 4 -10.25 12.17 -31.63
N SER A 5 -9.07 12.31 -32.24
CA SER A 5 -7.82 12.05 -31.52
C SER A 5 -7.69 12.98 -30.32
N ILE A 6 -8.01 14.25 -30.53
CA ILE A 6 -7.91 15.23 -29.46
C ILE A 6 -8.94 14.94 -28.38
N LYS A 7 -10.15 14.61 -28.81
CA LYS A 7 -11.23 14.32 -27.88
C LYS A 7 -10.88 13.10 -27.04
N GLU A 8 -10.26 12.11 -27.67
CA GLU A 8 -9.89 10.89 -26.97
C GLU A 8 -8.90 11.19 -25.85
N LEU A 9 -8.05 12.18 -26.08
CA LEU A 9 -7.07 12.57 -25.09
C LEU A 9 -7.74 13.10 -23.82
N LYS A 10 -8.78 13.91 -24.03
CA LYS A 10 -9.50 14.51 -22.91
C LYS A 10 -10.20 13.46 -22.07
N MET A 11 -10.91 12.55 -22.74
CA MET A 11 -11.64 11.50 -22.04
C MET A 11 -10.68 10.40 -21.57
N SER A 12 -9.43 10.48 -22.02
CA SER A 12 -8.44 9.48 -21.64
C SER A 12 -7.90 9.76 -20.25
N LYS A 13 -8.15 10.98 -19.76
CA LYS A 13 -7.68 11.37 -18.44
C LYS A 13 -8.30 10.49 -17.37
N ASP A 14 -9.59 10.18 -17.53
CA ASP A 14 -10.30 9.36 -16.57
C ASP A 14 -9.70 7.96 -16.52
N GLU A 15 -9.24 7.48 -17.67
CA GLU A 15 -8.64 6.15 -17.74
C GLU A 15 -7.39 6.08 -16.88
N ILE A 16 -6.65 7.18 -16.81
CA ILE A 16 -5.44 7.22 -16.01
C ILE A 16 -5.77 7.01 -14.53
N LYS A 17 -6.80 7.70 -14.05
CA LYS A 17 -7.21 7.58 -12.66
C LYS A 17 -7.66 6.15 -12.36
N ARG A 18 -8.37 5.56 -13.31
CA ARG A 18 -8.86 4.19 -13.14
C ARG A 18 -7.71 3.23 -12.95
N GLU A 19 -6.58 3.52 -13.59
CA GLU A 19 -5.41 2.66 -13.48
C GLU A 19 -4.97 2.54 -12.03
N TYR A 20 -5.09 3.63 -11.28
CA TYR A 20 -4.69 3.63 -9.87
C TYR A 20 -5.63 2.74 -9.06
N LYS A 21 -6.65 2.21 -9.72
CA LYS A 21 -7.60 1.34 -9.04
C LYS A 21 -6.92 0.08 -8.54
N GLU A 22 -6.09 -0.51 -9.40
CA GLU A 22 -5.39 -1.73 -9.04
C GLU A 22 -4.41 -1.48 -7.89
N MET A 23 -3.79 -0.31 -7.91
CA MET A 23 -2.84 0.06 -6.88
C MET A 23 -3.52 0.12 -5.51
N GLU A 24 -4.78 0.56 -5.51
CA GLU A 24 -5.54 0.67 -4.27
C GLU A 24 -5.84 -0.72 -3.70
N GLY A 25 -6.11 -1.67 -4.58
CA GLY A 25 -6.42 -3.03 -4.16
C GLY A 25 -5.24 -3.96 -4.39
N SER A 26 -4.97 -4.26 -5.66
CA SER A 26 -3.86 -5.13 -6.00
C SER A 26 -3.95 -6.46 -5.25
N PRO A 27 -3.04 -7.36 -5.52
CA PRO A 27 -3.00 -8.69 -4.85
C PRO A 27 -2.81 -8.55 -3.34
N GLU A 28 -3.44 -9.45 -2.59
CA GLU A 28 -3.32 -9.44 -1.13
C GLU A 28 -1.89 -9.73 -0.71
N ILE A 29 -1.09 -10.25 -1.63
CA ILE A 29 0.30 -10.58 -1.33
C ILE A 29 1.09 -9.32 -0.99
N LYS A 30 0.88 -8.26 -1.75
CA LYS A 30 1.59 -7.01 -1.52
C LYS A 30 1.13 -6.36 -0.22
N SER A 31 0.08 -6.91 0.38
CA SER A 31 -0.45 -6.37 1.62
C SER A 31 0.59 -6.46 2.73
N LYS A 32 1.33 -7.57 2.76
CA LYS A 32 2.36 -7.77 3.77
C LYS A 32 3.46 -6.73 3.62
N ARG A 33 3.87 -6.48 2.38
CA ARG A 33 4.93 -5.50 2.13
C ARG A 33 4.45 -4.09 2.48
N ARG A 34 3.20 -3.80 2.16
CA ARG A 34 2.63 -2.48 2.46
C ARG A 34 2.59 -2.24 3.96
N GLN A 35 2.19 -3.27 4.70
CA GLN A 35 2.10 -3.17 6.16
C GLN A 35 3.38 -2.55 6.72
N PHE A 36 4.51 -2.82 6.05
CA PHE A 36 5.79 -2.29 6.50
C PHE A 36 5.77 -0.76 6.47
N HIS A 37 5.29 -0.21 5.36
CA HIS A 37 5.23 1.24 5.22
C HIS A 37 4.24 1.84 6.20
N GLN A 38 3.10 1.16 6.37
CA GLN A 38 2.06 1.64 7.28
C GLN A 38 2.56 1.56 8.73
N GLU A 39 3.47 0.63 8.98
CA GLU A 39 4.01 0.46 10.33
C GLU A 39 4.81 1.69 10.74
N ILE A 40 5.35 2.39 9.75
CA ILE A 40 6.14 3.59 10.02
C ILE A 40 5.28 4.67 10.66
N GLN A 41 3.98 4.60 10.40
CA GLN A 41 3.04 5.58 10.95
C GLN A 41 3.00 5.48 12.48
N SER A 42 3.12 4.26 12.98
CA SER A 42 3.10 4.03 14.43
C SER A 42 4.34 4.63 15.09
N ARG A 43 5.38 4.85 14.30
CA ARG A 43 6.62 5.42 14.81
C ARG A 43 6.51 6.93 14.90
N ASN A 44 5.28 7.44 14.86
CA ASN A 44 5.06 8.88 14.94
C ASN A 44 3.57 9.18 15.03
N MET A 45 3.00 9.01 16.23
CA MET A 45 1.59 9.27 16.44
C MET A 45 1.29 10.76 16.32
N ARG A 46 2.23 11.59 16.76
CA ARG A 46 2.06 13.03 16.70
C ARG A 46 1.88 13.49 15.26
N GLU A 47 2.64 12.89 14.36
CA GLU A 47 2.55 13.26 12.95
C GLU A 47 1.17 12.89 12.39
N ASN A 48 0.68 11.71 12.75
CA ASN A 48 -0.61 11.25 12.27
C ASN A 48 -1.73 12.16 12.80
N VAL A 49 -1.64 12.51 14.08
CA VAL A 49 -2.64 13.37 14.70
C VAL A 49 -1.98 14.35 15.66
N LYS A 50 -2.62 15.50 15.85
CA LYS A 50 -2.08 16.52 16.74
C LYS A 50 -3.21 17.30 17.40
N ARG A 51 -2.87 18.47 17.94
CA ARG A 51 -3.85 19.31 18.60
C ARG A 51 -4.68 18.50 19.58
N SER A 52 -4.22 17.29 19.88
CA SER A 52 -4.92 16.42 20.82
C SER A 52 -4.40 16.64 22.24
N SER A 53 -3.24 16.07 22.55
CA SER A 53 -2.65 16.21 23.86
C SER A 53 -3.56 15.61 24.92
N VAL A 54 -4.68 15.06 24.49
CA VAL A 54 -5.64 14.45 25.40
C VAL A 54 -5.02 13.26 26.10
N VAL A 55 -4.26 12.46 25.35
CA VAL A 55 -3.61 11.29 25.91
C VAL A 55 -2.59 11.69 26.98
N VAL A 56 -1.87 12.77 26.72
CA VAL A 56 -0.86 13.25 27.65
C VAL A 56 -1.53 13.89 28.87
N ALA A 57 -1.07 13.49 30.06
CA ALA A 57 -1.63 14.02 31.30
C ALA A 57 -3.14 13.81 31.33
N ASN A 58 -3.58 12.91 32.20
CA ASN A 58 -5.00 12.61 32.34
C ASN A 58 -5.63 12.37 30.96
N GLY A 1 -17.86 -34.90 -37.16
CA GLY A 1 -16.74 -34.60 -36.22
C GLY A 1 -17.29 -34.46 -34.80
N PRO A 2 -18.02 -35.45 -34.34
CA PRO A 2 -18.61 -35.44 -32.98
C PRO A 2 -17.55 -35.45 -31.89
N LEU A 3 -17.82 -34.76 -30.80
CA LEU A 3 -16.87 -34.70 -29.68
C LEU A 3 -15.46 -34.43 -30.19
N GLY A 4 -15.37 -33.98 -31.43
CA GLY A 4 -14.08 -33.69 -32.02
C GLY A 4 -13.39 -32.53 -31.31
N SER A 5 -14.20 -31.64 -30.74
CA SER A 5 -13.67 -30.48 -30.04
C SER A 5 -12.72 -30.92 -28.93
N ILE A 6 -13.01 -32.06 -28.32
CA ILE A 6 -12.17 -32.57 -27.25
C ILE A 6 -10.70 -32.58 -27.66
N LYS A 7 -10.45 -32.85 -28.94
CA LYS A 7 -9.09 -32.90 -29.45
C LYS A 7 -8.42 -31.54 -29.28
N GLU A 8 -9.18 -30.48 -29.53
CA GLU A 8 -8.63 -29.12 -29.41
C GLU A 8 -8.12 -28.88 -28.00
N LEU A 9 -8.88 -29.36 -27.01
CA LEU A 9 -8.49 -29.18 -25.62
C LEU A 9 -7.16 -29.87 -25.34
N LYS A 10 -6.98 -31.06 -25.90
CA LYS A 10 -5.75 -31.81 -25.70
C LYS A 10 -4.56 -31.03 -26.25
N MET A 11 -4.74 -30.45 -27.43
CA MET A 11 -3.66 -29.68 -28.05
C MET A 11 -3.31 -28.47 -27.21
N SER A 12 -4.32 -27.81 -26.66
CA SER A 12 -4.11 -26.64 -25.82
C SER A 12 -3.85 -27.05 -24.37
N LYS A 13 -2.99 -28.04 -24.19
CA LYS A 13 -2.66 -28.51 -22.84
C LYS A 13 -1.65 -27.60 -22.18
N ASP A 14 -0.95 -26.80 -22.99
CA ASP A 14 0.05 -25.88 -22.47
C ASP A 14 -0.59 -24.84 -21.57
N GLU A 15 -1.78 -24.39 -21.94
CA GLU A 15 -2.50 -23.39 -21.15
C GLU A 15 -2.51 -23.79 -19.67
N ILE A 16 -2.60 -25.09 -19.42
CA ILE A 16 -2.63 -25.58 -18.05
C ILE A 16 -1.32 -25.24 -17.33
N LYS A 17 -0.20 -25.45 -18.03
CA LYS A 17 1.10 -25.16 -17.45
C LYS A 17 1.22 -23.67 -17.11
N ARG A 18 0.75 -22.83 -18.02
CA ARG A 18 0.80 -21.39 -17.80
C ARG A 18 0.05 -21.00 -16.54
N GLU A 19 -1.14 -21.58 -16.36
CA GLU A 19 -1.96 -21.28 -15.19
C GLU A 19 -1.14 -21.47 -13.91
N TYR A 20 -0.03 -22.18 -14.02
CA TYR A 20 0.83 -22.42 -12.86
C TYR A 20 1.33 -21.10 -12.29
N LYS A 21 1.44 -20.10 -13.14
CA LYS A 21 1.90 -18.78 -12.71
C LYS A 21 0.92 -18.16 -11.71
N GLU A 22 -0.35 -18.54 -11.83
CA GLU A 22 -1.38 -18.01 -10.95
C GLU A 22 -1.08 -18.38 -9.50
N MET A 23 -0.37 -19.49 -9.31
CA MET A 23 -0.02 -19.94 -7.96
C MET A 23 0.85 -18.89 -7.26
N GLU A 24 1.79 -18.32 -8.00
CA GLU A 24 2.68 -17.31 -7.43
C GLU A 24 1.90 -16.04 -7.09
N GLY A 25 0.87 -15.74 -7.89
CA GLY A 25 0.06 -14.56 -7.66
C GLY A 25 0.85 -13.30 -7.98
N SER A 26 0.78 -12.32 -7.10
CA SER A 26 1.48 -11.05 -7.30
C SER A 26 1.09 -10.04 -6.21
N PRO A 27 -0.16 -9.72 -6.13
CA PRO A 27 -0.68 -8.74 -5.12
C PRO A 27 -0.49 -9.26 -3.69
N GLU A 28 -0.33 -10.56 -3.56
CA GLU A 28 -0.15 -11.16 -2.24
C GLU A 28 1.10 -10.61 -1.56
N ILE A 29 2.17 -10.47 -2.34
CA ILE A 29 3.43 -9.95 -1.81
C ILE A 29 3.29 -8.47 -1.46
N LYS A 30 2.65 -7.72 -2.35
CA LYS A 30 2.45 -6.29 -2.14
C LYS A 30 1.54 -6.04 -0.95
N SER A 31 0.57 -6.93 -0.76
CA SER A 31 -0.37 -6.80 0.35
C SER A 31 0.37 -6.90 1.68
N LYS A 32 1.42 -7.72 1.71
CA LYS A 32 2.20 -7.90 2.93
C LYS A 32 2.87 -6.60 3.34
N ARG A 33 3.25 -5.80 2.34
CA ARG A 33 3.90 -4.53 2.61
C ARG A 33 2.95 -3.56 3.30
N ARG A 34 1.65 -3.80 3.15
CA ARG A 34 0.64 -2.94 3.76
C ARG A 34 0.84 -2.89 5.27
N GLN A 35 1.10 -4.04 5.87
CA GLN A 35 1.29 -4.10 7.32
C GLN A 35 2.49 -3.24 7.74
N PHE A 36 3.56 -3.31 6.95
CA PHE A 36 4.75 -2.52 7.23
C PHE A 36 4.50 -1.04 7.03
N HIS A 37 3.49 -0.72 6.22
CA HIS A 37 3.16 0.67 5.93
C HIS A 37 2.88 1.42 7.23
N GLN A 38 2.16 0.77 8.15
CA GLN A 38 1.83 1.38 9.42
C GLN A 38 3.09 1.63 10.25
N GLU A 39 4.02 0.68 10.18
CA GLU A 39 5.27 0.81 10.93
C GLU A 39 6.11 1.97 10.39
N ILE A 40 6.13 2.10 9.07
CA ILE A 40 6.90 3.17 8.44
C ILE A 40 6.34 4.54 8.84
N GLN A 41 5.02 4.66 8.83
CA GLN A 41 4.38 5.91 9.18
C GLN A 41 4.63 6.24 10.66
N SER A 42 4.69 5.20 11.49
CA SER A 42 4.92 5.38 12.91
C SER A 42 6.30 5.98 13.16
N ARG A 43 7.21 5.74 12.23
CA ARG A 43 8.57 6.27 12.35
C ARG A 43 8.67 7.65 11.72
N ASN A 44 7.52 8.25 11.45
CA ASN A 44 7.50 9.58 10.84
C ASN A 44 6.08 10.12 10.79
N MET A 45 5.50 10.38 11.97
CA MET A 45 4.15 10.91 12.04
C MET A 45 4.09 12.34 11.55
N ARG A 46 5.24 13.02 11.59
CA ARG A 46 5.31 14.40 11.15
C ARG A 46 4.96 14.52 9.67
N GLU A 47 5.35 13.51 8.89
CA GLU A 47 5.08 13.52 7.46
C GLU A 47 3.58 13.46 7.20
N ASN A 48 2.83 13.02 8.19
CA ASN A 48 1.38 12.92 8.06
C ASN A 48 0.77 14.29 7.85
N VAL A 49 1.29 15.28 8.58
CA VAL A 49 0.78 16.66 8.46
C VAL A 49 1.77 17.52 7.70
N LYS A 50 1.27 18.21 6.68
CA LYS A 50 2.12 19.08 5.86
C LYS A 50 2.67 20.22 6.70
N ARG A 51 1.84 20.75 7.59
CA ARG A 51 2.26 21.87 8.44
C ARG A 51 2.76 23.03 7.59
N SER A 52 2.12 23.25 6.45
CA SER A 52 2.51 24.34 5.56
C SER A 52 3.99 24.23 5.22
N SER A 53 4.30 23.47 4.16
CA SER A 53 5.69 23.30 3.73
C SER A 53 5.76 22.99 2.25
N VAL A 54 6.49 23.81 1.51
CA VAL A 54 6.63 23.60 0.07
C VAL A 54 5.28 23.23 -0.56
N VAL A 55 4.21 23.69 0.06
CA VAL A 55 2.87 23.39 -0.43
C VAL A 55 2.66 24.01 -1.82
N VAL A 56 3.28 25.16 -2.03
CA VAL A 56 3.15 25.85 -3.32
C VAL A 56 4.12 25.26 -4.34
N ALA A 57 3.60 24.92 -5.51
CA ALA A 57 4.43 24.34 -6.56
C ALA A 57 5.28 25.42 -7.22
N ASN A 58 4.83 26.67 -7.12
CA ASN A 58 5.56 27.79 -7.70
C ASN A 58 5.09 29.10 -7.12
N GLY A 1 -41.14 -14.75 -20.94
CA GLY A 1 -40.12 -13.87 -20.31
C GLY A 1 -38.72 -14.34 -20.71
N PRO A 2 -38.46 -14.42 -21.98
CA PRO A 2 -37.13 -14.87 -22.50
C PRO A 2 -36.03 -13.86 -22.21
N LEU A 3 -36.43 -12.62 -21.91
CA LEU A 3 -35.46 -11.58 -21.61
C LEU A 3 -34.67 -11.92 -20.35
N GLY A 4 -35.37 -12.46 -19.36
CA GLY A 4 -34.72 -12.82 -18.09
C GLY A 4 -33.65 -13.87 -18.31
N SER A 5 -33.62 -14.45 -19.51
CA SER A 5 -32.64 -15.47 -19.84
C SER A 5 -31.22 -14.92 -19.74
N ILE A 6 -31.05 -13.69 -20.22
CA ILE A 6 -29.73 -13.05 -20.18
C ILE A 6 -29.20 -13.00 -18.75
N LYS A 7 -30.10 -12.78 -17.81
CA LYS A 7 -29.72 -12.70 -16.40
C LYS A 7 -29.10 -14.02 -15.95
N GLU A 8 -29.67 -15.13 -16.40
CA GLU A 8 -29.16 -16.45 -16.04
C GLU A 8 -27.74 -16.64 -16.55
N LEU A 9 -27.47 -16.10 -17.73
CA LEU A 9 -26.14 -16.22 -18.33
C LEU A 9 -25.09 -15.55 -17.44
N LYS A 10 -25.43 -14.38 -16.89
CA LYS A 10 -24.50 -13.66 -16.04
C LYS A 10 -24.15 -14.49 -14.81
N MET A 11 -25.15 -15.17 -14.26
CA MET A 11 -24.92 -15.99 -13.08
C MET A 11 -23.77 -16.97 -13.32
N SER A 12 -23.79 -17.64 -14.47
CA SER A 12 -22.75 -18.60 -14.81
C SER A 12 -21.41 -17.89 -14.99
N LYS A 13 -21.46 -16.69 -15.56
CA LYS A 13 -20.23 -15.91 -15.79
C LYS A 13 -19.59 -15.53 -14.46
N ASP A 14 -20.43 -15.23 -13.47
CA ASP A 14 -19.92 -14.84 -12.16
C ASP A 14 -19.15 -15.99 -11.53
N GLU A 15 -19.66 -17.21 -11.70
CA GLU A 15 -19.02 -18.39 -11.14
C GLU A 15 -17.62 -18.57 -11.72
N ILE A 16 -17.49 -18.34 -13.02
CA ILE A 16 -16.20 -18.47 -13.69
C ILE A 16 -15.20 -17.45 -13.13
N LYS A 17 -15.67 -16.21 -12.96
CA LYS A 17 -14.81 -15.15 -12.44
C LYS A 17 -14.31 -15.51 -11.05
N ARG A 18 -15.20 -16.09 -10.24
CA ARG A 18 -14.83 -16.47 -8.88
C ARG A 18 -13.67 -17.47 -8.90
N GLU A 19 -13.73 -18.43 -9.81
CA GLU A 19 -12.69 -19.44 -9.92
C GLU A 19 -11.40 -18.81 -10.43
N TYR A 20 -11.53 -17.80 -11.29
CA TYR A 20 -10.37 -17.13 -11.86
C TYR A 20 -9.54 -16.49 -10.75
N LYS A 21 -10.21 -15.79 -9.85
CA LYS A 21 -9.52 -15.13 -8.74
C LYS A 21 -8.83 -16.14 -7.84
N GLU A 22 -9.53 -17.25 -7.57
CA GLU A 22 -8.97 -18.30 -6.71
C GLU A 22 -7.82 -19.01 -7.42
N MET A 23 -7.93 -19.13 -8.74
CA MET A 23 -6.89 -19.79 -9.52
C MET A 23 -5.57 -19.03 -9.41
N GLU A 24 -5.65 -17.71 -9.48
CA GLU A 24 -4.46 -16.87 -9.40
C GLU A 24 -3.85 -16.95 -8.00
N GLY A 25 -4.71 -16.83 -6.98
CA GLY A 25 -4.24 -16.90 -5.60
C GLY A 25 -2.93 -16.13 -5.43
N SER A 26 -2.95 -14.85 -5.78
CA SER A 26 -1.76 -14.02 -5.66
C SER A 26 -1.08 -14.25 -4.31
N PRO A 27 0.17 -13.89 -4.20
CA PRO A 27 0.96 -14.04 -2.95
C PRO A 27 0.53 -13.07 -1.86
N GLU A 28 0.69 -13.48 -0.61
CA GLU A 28 0.31 -12.62 0.51
C GLU A 28 1.42 -11.62 0.83
N ILE A 29 2.57 -11.80 0.19
CA ILE A 29 3.70 -10.91 0.41
C ILE A 29 3.35 -9.49 -0.03
N LYS A 30 2.71 -9.38 -1.19
CA LYS A 30 2.34 -8.08 -1.72
C LYS A 30 1.32 -7.40 -0.80
N SER A 31 0.39 -8.19 -0.28
CA SER A 31 -0.64 -7.64 0.62
C SER A 31 0.00 -7.11 1.90
N LYS A 32 1.14 -7.67 2.26
CA LYS A 32 1.84 -7.24 3.47
C LYS A 32 2.62 -5.95 3.21
N ARG A 33 2.82 -5.63 1.94
CA ARG A 33 3.54 -4.42 1.57
C ARG A 33 2.79 -3.18 2.07
N ARG A 34 1.47 -3.21 1.95
CA ARG A 34 0.66 -2.08 2.39
C ARG A 34 0.86 -1.82 3.87
N GLN A 35 0.93 -2.90 4.65
CA GLN A 35 1.11 -2.77 6.10
C GLN A 35 2.50 -2.23 6.42
N PHE A 36 3.40 -2.32 5.45
CA PHE A 36 4.77 -1.85 5.64
C PHE A 36 4.78 -0.35 5.93
N HIS A 37 4.00 0.40 5.16
CA HIS A 37 3.91 1.84 5.34
C HIS A 37 3.49 2.18 6.76
N GLN A 38 2.59 1.37 7.31
CA GLN A 38 2.11 1.60 8.67
C GLN A 38 3.21 1.35 9.69
N GLU A 39 4.22 0.57 9.29
CA GLU A 39 5.32 0.25 10.19
C GLU A 39 6.14 1.51 10.48
N ILE A 40 6.25 2.37 9.48
CA ILE A 40 7.00 3.61 9.63
C ILE A 40 6.32 4.51 10.67
N GLN A 41 5.01 4.57 10.61
CA GLN A 41 4.24 5.39 11.54
C GLN A 41 4.45 4.90 12.97
N SER A 42 4.88 3.66 13.11
CA SER A 42 5.12 3.08 14.42
C SER A 42 6.26 3.80 15.13
N ARG A 43 7.09 4.49 14.35
CA ARG A 43 8.23 5.22 14.91
C ARG A 43 7.75 6.49 15.61
N ASN A 44 6.54 6.43 16.15
CA ASN A 44 5.99 7.58 16.86
C ASN A 44 6.85 7.96 18.06
N MET A 45 6.87 9.24 18.38
CA MET A 45 7.65 9.72 19.52
C MET A 45 7.07 9.21 20.83
N ARG A 46 5.75 9.07 20.87
CA ARG A 46 5.07 8.59 22.07
C ARG A 46 5.56 7.19 22.43
N GLU A 47 5.81 6.37 21.41
CA GLU A 47 6.26 5.01 21.63
C GLU A 47 7.74 4.99 21.98
N ASN A 48 8.35 6.17 22.03
CA ASN A 48 9.77 6.28 22.35
C ASN A 48 10.03 5.78 23.77
N VAL A 49 9.12 6.11 24.69
CA VAL A 49 9.26 5.69 26.08
C VAL A 49 9.22 4.17 26.19
N LYS A 50 10.15 3.61 26.94
CA LYS A 50 10.21 2.16 27.12
C LYS A 50 10.94 1.81 28.41
N ARG A 51 10.74 2.62 29.44
CA ARG A 51 11.39 2.40 30.73
C ARG A 51 10.68 1.28 31.49
N SER A 52 9.53 0.86 30.97
CA SER A 52 8.75 -0.20 31.60
C SER A 52 8.45 0.14 33.06
N SER A 53 7.27 0.73 33.28
CA SER A 53 6.86 1.11 34.63
C SER A 53 6.37 -0.11 35.40
N VAL A 54 6.28 -1.24 34.72
CA VAL A 54 5.82 -2.47 35.35
C VAL A 54 6.76 -2.87 36.49
N VAL A 55 6.17 -3.31 37.60
CA VAL A 55 6.96 -3.71 38.76
C VAL A 55 8.15 -4.56 38.34
N VAL A 56 9.35 -3.99 38.45
CA VAL A 56 10.56 -4.71 38.07
C VAL A 56 10.96 -5.69 39.17
N ALA A 57 11.35 -6.90 38.76
CA ALA A 57 11.75 -7.92 39.72
C ALA A 57 13.06 -7.52 40.41
N ASN A 58 13.15 -7.82 41.70
CA ASN A 58 14.34 -7.48 42.47
C ASN A 58 15.55 -8.23 41.93
N GLY A 1 9.07 -23.26 -42.93
CA GLY A 1 8.37 -22.21 -42.13
C GLY A 1 8.26 -20.93 -42.96
N PRO A 2 7.68 -21.02 -44.13
CA PRO A 2 7.51 -19.85 -45.04
C PRO A 2 6.61 -18.78 -44.44
N LEU A 3 6.89 -17.53 -44.75
CA LEU A 3 6.09 -16.42 -44.23
C LEU A 3 5.71 -16.65 -42.77
N GLY A 4 6.60 -16.27 -41.87
CA GLY A 4 6.36 -16.45 -40.46
C GLY A 4 5.21 -15.57 -39.98
N SER A 5 4.96 -14.49 -40.72
CA SER A 5 3.88 -13.57 -40.36
C SER A 5 2.55 -14.31 -40.33
N ILE A 6 2.32 -15.18 -41.31
CA ILE A 6 1.08 -15.93 -41.38
C ILE A 6 0.95 -16.86 -40.17
N LYS A 7 2.05 -17.53 -39.84
CA LYS A 7 2.05 -18.46 -38.70
C LYS A 7 1.79 -17.71 -37.41
N GLU A 8 2.37 -16.51 -37.31
CA GLU A 8 2.20 -15.69 -36.11
C GLU A 8 0.76 -15.22 -36.00
N LEU A 9 0.12 -15.00 -37.14
CA LEU A 9 -1.26 -14.54 -37.16
C LEU A 9 -2.17 -15.56 -36.48
N LYS A 10 -1.93 -16.84 -36.75
CA LYS A 10 -2.76 -17.89 -36.17
C LYS A 10 -2.65 -17.88 -34.66
N MET A 11 -1.45 -17.65 -34.16
CA MET A 11 -1.22 -17.60 -32.72
C MET A 11 -1.86 -16.35 -32.12
N SER A 12 -2.73 -15.71 -32.88
CA SER A 12 -3.40 -14.50 -32.42
C SER A 12 -2.39 -13.52 -31.84
N LYS A 13 -2.01 -12.53 -32.64
CA LYS A 13 -1.04 -11.54 -32.20
C LYS A 13 -1.59 -10.75 -31.01
N ASP A 14 -2.90 -10.50 -31.02
CA ASP A 14 -3.54 -9.76 -29.94
C ASP A 14 -3.41 -10.51 -28.62
N GLU A 15 -3.48 -11.84 -28.70
CA GLU A 15 -3.37 -12.67 -27.50
C GLU A 15 -2.12 -12.31 -26.72
N ILE A 16 -1.09 -11.87 -27.43
CA ILE A 16 0.16 -11.51 -26.78
C ILE A 16 -0.07 -10.34 -25.82
N LYS A 17 -0.89 -9.39 -26.24
CA LYS A 17 -1.15 -8.22 -25.43
C LYS A 17 -1.82 -8.64 -24.14
N ARG A 18 -2.67 -9.64 -24.22
CA ARG A 18 -3.37 -10.14 -23.05
C ARG A 18 -2.37 -10.63 -22.01
N GLU A 19 -1.38 -11.37 -22.47
CA GLU A 19 -0.35 -11.89 -21.57
C GLU A 19 0.46 -10.77 -20.95
N TYR A 20 0.63 -9.69 -21.70
CA TYR A 20 1.39 -8.54 -21.21
C TYR A 20 0.73 -7.94 -19.97
N LYS A 21 -0.60 -7.92 -19.98
CA LYS A 21 -1.35 -7.37 -18.84
C LYS A 21 -1.08 -8.19 -17.59
N GLU A 22 -1.00 -9.51 -17.76
CA GLU A 22 -0.76 -10.40 -16.63
C GLU A 22 0.47 -9.93 -15.85
N MET A 23 1.45 -9.40 -16.56
CA MET A 23 2.67 -8.93 -15.91
C MET A 23 2.35 -7.80 -14.94
N GLU A 24 1.45 -6.91 -15.34
CA GLU A 24 1.06 -5.79 -14.50
C GLU A 24 0.20 -6.27 -13.33
N GLY A 25 0.03 -7.58 -13.24
CA GLY A 25 -0.79 -8.15 -12.18
C GLY A 25 -0.23 -7.75 -10.82
N SER A 26 -1.13 -7.54 -9.86
CA SER A 26 -0.73 -7.15 -8.50
C SER A 26 -1.29 -8.13 -7.48
N PRO A 27 -0.62 -9.23 -7.26
CA PRO A 27 -1.05 -10.28 -6.29
C PRO A 27 -1.22 -9.70 -4.89
N GLU A 28 -2.20 -10.23 -4.16
CA GLU A 28 -2.45 -9.77 -2.80
C GLU A 28 -1.28 -10.13 -1.89
N ILE A 29 -0.35 -10.91 -2.41
CA ILE A 29 0.82 -11.31 -1.63
C ILE A 29 1.67 -10.10 -1.28
N LYS A 30 1.86 -9.22 -2.25
CA LYS A 30 2.65 -8.02 -2.02
C LYS A 30 1.94 -7.08 -1.06
N SER A 31 0.70 -7.41 -0.72
CA SER A 31 -0.08 -6.58 0.19
C SER A 31 0.58 -6.57 1.56
N LYS A 32 1.37 -7.61 1.83
CA LYS A 32 2.07 -7.73 3.10
C LYS A 32 3.05 -6.58 3.28
N ARG A 33 3.70 -6.19 2.19
CA ARG A 33 4.66 -5.10 2.24
C ARG A 33 3.97 -3.79 2.60
N ARG A 34 2.76 -3.59 2.08
CA ARG A 34 2.01 -2.37 2.35
C ARG A 34 1.72 -2.25 3.85
N GLN A 35 1.48 -3.38 4.48
CA GLN A 35 1.19 -3.40 5.91
C GLN A 35 2.35 -2.81 6.70
N PHE A 36 3.54 -2.82 6.10
CA PHE A 36 4.72 -2.28 6.75
C PHE A 36 4.57 -0.78 6.95
N HIS A 37 3.71 -0.16 6.15
CA HIS A 37 3.49 1.28 6.25
C HIS A 37 3.12 1.66 7.68
N GLN A 38 2.71 0.67 8.46
CA GLN A 38 2.34 0.91 9.85
C GLN A 38 3.54 1.37 10.66
N GLU A 39 4.70 0.77 10.36
CA GLU A 39 5.92 1.12 11.07
C GLU A 39 6.34 2.55 10.74
N ILE A 40 6.11 2.97 9.49
CA ILE A 40 6.46 4.31 9.07
C ILE A 40 5.66 5.34 9.84
N GLN A 41 4.37 5.09 9.99
CA GLN A 41 3.50 6.01 10.71
C GLN A 41 3.93 6.11 12.17
N SER A 42 4.31 4.98 12.75
CA SER A 42 4.74 4.96 14.15
C SER A 42 6.06 5.69 14.31
N ARG A 43 6.77 5.90 13.20
CA ARG A 43 8.05 6.58 13.24
C ARG A 43 7.85 8.08 13.39
N ASN A 44 6.60 8.50 13.57
CA ASN A 44 6.30 9.91 13.73
C ASN A 44 6.83 10.42 15.07
N MET A 45 7.95 9.87 15.51
CA MET A 45 8.56 10.29 16.77
C MET A 45 9.14 11.69 16.64
N ARG A 46 9.32 12.13 15.40
CA ARG A 46 9.88 13.47 15.16
C ARG A 46 8.99 14.54 15.78
N GLU A 47 7.69 14.28 15.79
CA GLU A 47 6.75 15.25 16.35
C GLU A 47 7.13 15.60 17.79
N ASN A 48 8.03 14.81 18.36
CA ASN A 48 8.47 15.05 19.74
C ASN A 48 9.64 16.01 19.76
N VAL A 49 10.03 16.51 18.58
CA VAL A 49 11.13 17.46 18.47
C VAL A 49 12.17 17.20 19.56
N LYS A 50 13.17 16.39 19.25
CA LYS A 50 14.21 16.06 20.22
C LYS A 50 13.58 15.52 21.50
N ARG A 51 13.67 14.21 21.68
CA ARG A 51 13.12 13.57 22.87
C ARG A 51 14.06 13.74 24.06
N SER A 52 15.25 14.27 23.80
CA SER A 52 16.24 14.48 24.85
C SER A 52 16.56 13.18 25.56
N SER A 53 17.54 12.46 25.04
CA SER A 53 17.94 11.19 25.64
C SER A 53 18.74 11.41 26.91
N VAL A 54 18.08 11.27 28.06
CA VAL A 54 18.74 11.47 29.35
C VAL A 54 18.21 10.48 30.37
N VAL A 55 16.94 10.11 30.23
CA VAL A 55 16.32 9.17 31.16
C VAL A 55 17.01 7.81 31.09
N VAL A 56 17.27 7.34 29.87
CA VAL A 56 17.92 6.05 29.66
C VAL A 56 19.07 6.18 28.67
N ALA A 57 20.19 5.55 28.99
CA ALA A 57 21.36 5.60 28.12
C ALA A 57 22.26 4.40 28.36
N ASN A 58 23.01 4.01 27.34
CA ASN A 58 23.91 2.87 27.45
C ASN A 58 24.87 2.83 26.27
N GLY A 1 -0.19 -35.77 -39.77
CA GLY A 1 0.39 -34.80 -38.79
C GLY A 1 -0.44 -33.52 -38.78
N PRO A 2 -1.70 -33.64 -38.46
CA PRO A 2 -2.63 -32.48 -38.41
C PRO A 2 -2.37 -31.57 -37.22
N LEU A 3 -2.70 -30.29 -37.36
CA LEU A 3 -2.49 -29.34 -36.27
C LEU A 3 -3.62 -29.42 -35.25
N GLY A 4 -4.65 -30.18 -35.58
CA GLY A 4 -5.79 -30.35 -34.68
C GLY A 4 -5.37 -31.05 -33.40
N SER A 5 -4.40 -31.94 -33.50
CA SER A 5 -3.92 -32.67 -32.34
C SER A 5 -3.34 -31.72 -31.30
N ILE A 6 -2.74 -30.63 -31.77
CA ILE A 6 -2.16 -29.65 -30.87
C ILE A 6 -3.24 -28.99 -30.03
N LYS A 7 -4.34 -28.62 -30.67
CA LYS A 7 -5.45 -27.98 -29.98
C LYS A 7 -6.09 -28.95 -28.98
N GLU A 8 -6.23 -30.21 -29.38
CA GLU A 8 -6.82 -31.22 -28.52
C GLU A 8 -5.92 -31.51 -27.32
N LEU A 9 -4.66 -31.07 -27.42
CA LEU A 9 -3.71 -31.29 -26.34
C LEU A 9 -4.19 -30.60 -25.06
N LYS A 10 -4.75 -29.41 -25.21
CA LYS A 10 -5.25 -28.65 -24.07
C LYS A 10 -6.15 -29.52 -23.22
N MET A 11 -6.50 -30.70 -23.72
CA MET A 11 -7.36 -31.62 -22.99
C MET A 11 -6.67 -32.11 -21.72
N SER A 12 -5.43 -31.66 -21.52
CA SER A 12 -4.66 -32.07 -20.35
C SER A 12 -5.36 -31.57 -19.07
N LYS A 13 -5.47 -32.46 -18.09
CA LYS A 13 -6.11 -32.10 -16.83
C LYS A 13 -5.15 -31.35 -15.92
N ASP A 14 -3.85 -31.55 -16.14
CA ASP A 14 -2.85 -30.87 -15.33
C ASP A 14 -2.90 -29.36 -15.56
N GLU A 15 -3.17 -28.97 -16.80
CA GLU A 15 -3.26 -27.55 -17.14
C GLU A 15 -4.44 -26.91 -16.41
N ILE A 16 -5.57 -27.60 -16.39
CA ILE A 16 -6.76 -27.09 -15.73
C ILE A 16 -6.53 -26.93 -14.24
N LYS A 17 -5.91 -27.94 -13.63
CA LYS A 17 -5.62 -27.91 -12.20
C LYS A 17 -4.65 -26.77 -11.87
N ARG A 18 -3.63 -26.61 -12.69
CA ARG A 18 -2.64 -25.57 -12.50
C ARG A 18 -3.21 -24.20 -12.88
N GLU A 19 -4.28 -24.22 -13.67
CA GLU A 19 -4.90 -22.97 -14.10
C GLU A 19 -5.56 -22.27 -12.92
N TYR A 20 -6.05 -23.05 -11.97
CA TYR A 20 -6.71 -22.48 -10.79
C TYR A 20 -5.69 -21.68 -9.98
N LYS A 21 -4.42 -21.99 -10.19
CA LYS A 21 -3.34 -21.32 -9.48
C LYS A 21 -3.33 -19.84 -9.83
N GLU A 22 -3.57 -19.54 -11.10
CA GLU A 22 -3.58 -18.17 -11.58
C GLU A 22 -4.74 -17.40 -10.94
N MET A 23 -5.87 -18.07 -10.79
CA MET A 23 -7.05 -17.45 -10.19
C MET A 23 -6.78 -17.05 -8.75
N GLU A 24 -6.05 -17.89 -8.02
CA GLU A 24 -5.72 -17.62 -6.64
C GLU A 24 -4.76 -16.43 -6.54
N GLY A 25 -3.82 -16.36 -7.46
CA GLY A 25 -2.84 -15.28 -7.48
C GLY A 25 -1.97 -15.32 -6.23
N SER A 26 -1.73 -14.15 -5.65
CA SER A 26 -0.91 -14.06 -4.44
C SER A 26 -0.85 -12.62 -3.94
N PRO A 27 -1.97 -12.08 -3.56
CA PRO A 27 -2.06 -10.68 -3.05
C PRO A 27 -1.55 -10.55 -1.62
N GLU A 28 -1.29 -11.69 -0.99
CA GLU A 28 -0.78 -11.68 0.39
C GLU A 28 0.55 -10.95 0.47
N ILE A 29 1.39 -11.14 -0.55
CA ILE A 29 2.70 -10.49 -0.57
C ILE A 29 2.54 -8.98 -0.67
N LYS A 30 1.61 -8.55 -1.53
CA LYS A 30 1.36 -7.13 -1.71
C LYS A 30 0.80 -6.52 -0.42
N SER A 31 -0.07 -7.26 0.24
CA SER A 31 -0.67 -6.79 1.49
C SER A 31 0.40 -6.60 2.56
N LYS A 32 1.37 -7.49 2.59
CA LYS A 32 2.45 -7.41 3.56
C LYS A 32 3.26 -6.13 3.35
N ARG A 33 3.45 -5.75 2.10
CA ARG A 33 4.22 -4.56 1.79
C ARG A 33 3.53 -3.32 2.36
N ARG A 34 2.21 -3.26 2.19
CA ARG A 34 1.44 -2.14 2.70
C ARG A 34 1.57 -2.04 4.22
N GLN A 35 1.56 -3.20 4.89
CA GLN A 35 1.67 -3.24 6.34
C GLN A 35 3.00 -2.66 6.79
N PHE A 36 4.03 -2.86 5.96
CA PHE A 36 5.36 -2.36 6.27
C PHE A 36 5.34 -0.83 6.35
N HIS A 37 4.68 -0.20 5.38
CA HIS A 37 4.60 1.25 5.34
C HIS A 37 3.83 1.78 6.55
N GLN A 38 2.75 1.07 6.91
CA GLN A 38 1.93 1.48 8.04
C GLN A 38 2.68 1.28 9.35
N GLU A 39 3.61 0.31 9.34
CA GLU A 39 4.39 0.02 10.54
C GLU A 39 5.28 1.20 10.90
N ILE A 40 5.91 1.80 9.90
CA ILE A 40 6.77 2.94 10.12
C ILE A 40 5.96 4.21 10.29
N GLN A 41 4.69 4.16 9.88
CA GLN A 41 3.81 5.32 9.99
C GLN A 41 3.60 5.70 11.45
N SER A 42 3.39 4.68 12.29
CA SER A 42 3.17 4.91 13.71
C SER A 42 4.47 5.35 14.39
N ARG A 43 5.59 5.11 13.71
CA ARG A 43 6.89 5.48 14.26
C ARG A 43 7.18 6.95 14.00
N ASN A 44 6.25 7.63 13.34
CA ASN A 44 6.41 9.04 13.02
C ASN A 44 6.51 9.87 14.29
N MET A 45 6.45 9.20 15.44
CA MET A 45 6.54 9.89 16.72
C MET A 45 7.94 10.44 16.94
N ARG A 46 8.95 9.72 16.44
CA ARG A 46 10.33 10.15 16.59
C ARG A 46 10.53 11.55 16.01
N GLU A 47 9.50 12.06 15.35
CA GLU A 47 9.59 13.38 14.74
C GLU A 47 9.98 14.44 15.77
N ASN A 48 9.87 14.07 17.04
CA ASN A 48 10.21 14.99 18.13
C ASN A 48 11.69 15.36 18.06
N VAL A 49 12.53 14.37 17.79
CA VAL A 49 13.97 14.61 17.71
C VAL A 49 14.39 14.86 16.27
N LYS A 50 15.18 13.95 15.71
CA LYS A 50 15.65 14.10 14.34
C LYS A 50 14.55 13.70 13.36
N ARG A 51 14.34 14.52 12.34
CA ARG A 51 13.32 14.23 11.34
C ARG A 51 13.74 13.05 10.47
N SER A 52 12.78 12.18 10.18
CA SER A 52 13.06 11.00 9.35
C SER A 52 14.10 10.12 10.03
N SER A 53 14.57 10.55 11.19
CA SER A 53 15.57 9.79 11.93
C SER A 53 16.63 9.23 10.98
N VAL A 54 17.65 10.05 10.70
CA VAL A 54 18.74 9.63 9.82
C VAL A 54 19.59 8.57 10.48
N VAL A 55 19.90 7.51 9.73
CA VAL A 55 20.71 6.42 10.26
C VAL A 55 22.07 6.94 10.73
N VAL A 56 22.11 7.42 11.97
CA VAL A 56 23.35 7.95 12.52
C VAL A 56 24.37 6.82 12.75
N ALA A 57 25.60 7.04 12.31
CA ALA A 57 26.64 6.04 12.47
C ALA A 57 26.24 4.73 11.79
N ASN A 58 26.72 4.52 10.57
CA ASN A 58 26.40 3.31 9.83
C ASN A 58 24.90 3.06 9.81
N GLY A 1 26.60 19.53 -13.05
CA GLY A 1 25.68 19.06 -14.13
C GLY A 1 24.30 18.80 -13.53
N PRO A 2 23.33 18.55 -14.37
CA PRO A 2 21.93 18.27 -13.94
C PRO A 2 21.80 16.92 -13.23
N LEU A 3 20.86 16.82 -12.31
CA LEU A 3 20.64 15.58 -11.57
C LEU A 3 19.15 15.34 -11.35
N GLY A 4 18.33 16.25 -11.87
CA GLY A 4 16.88 16.12 -11.71
C GLY A 4 16.29 15.34 -12.89
N SER A 5 16.75 15.65 -14.09
CA SER A 5 16.25 14.97 -15.28
C SER A 5 16.50 13.47 -15.18
N ILE A 6 17.69 13.11 -14.71
CA ILE A 6 18.05 11.70 -14.58
C ILE A 6 17.17 11.02 -13.53
N LYS A 7 16.94 11.71 -12.41
CA LYS A 7 16.12 11.15 -11.35
C LYS A 7 14.70 10.86 -11.85
N GLU A 8 14.16 11.78 -12.64
CA GLU A 8 12.81 11.60 -13.18
C GLU A 8 12.76 10.36 -14.07
N LEU A 9 13.78 10.18 -14.90
CA LEU A 9 13.83 9.03 -15.79
C LEU A 9 13.85 7.73 -15.00
N LYS A 10 14.65 7.71 -13.93
CA LYS A 10 14.74 6.52 -13.10
C LYS A 10 13.41 6.21 -12.44
N MET A 11 12.74 7.25 -11.95
CA MET A 11 11.44 7.08 -11.30
C MET A 11 10.41 6.57 -12.29
N SER A 12 10.50 7.06 -13.53
CA SER A 12 9.56 6.66 -14.57
C SER A 12 8.12 6.76 -14.07
N LYS A 13 7.47 7.88 -14.40
CA LYS A 13 6.08 8.09 -13.99
C LYS A 13 5.16 7.07 -14.64
N ASP A 14 5.52 6.63 -15.84
CA ASP A 14 4.71 5.65 -16.55
C ASP A 14 4.71 4.32 -15.81
N GLU A 15 5.78 4.08 -15.04
CA GLU A 15 5.89 2.85 -14.27
C GLU A 15 4.78 2.79 -13.21
N ILE A 16 4.49 3.93 -12.60
CA ILE A 16 3.47 4.00 -11.57
C ILE A 16 2.09 3.66 -12.16
N LYS A 17 1.81 4.20 -13.34
CA LYS A 17 0.53 3.95 -13.99
C LYS A 17 0.35 2.46 -14.25
N ARG A 18 1.43 1.78 -14.59
CA ARG A 18 1.36 0.35 -14.86
C ARG A 18 0.99 -0.40 -13.58
N GLU A 19 1.51 0.09 -12.46
CA GLU A 19 1.25 -0.53 -11.17
C GLU A 19 -0.21 -0.30 -10.76
N TYR A 20 -0.81 0.75 -11.31
CA TYR A 20 -2.21 1.07 -11.00
C TYR A 20 -3.12 -0.06 -11.45
N LYS A 21 -2.84 -0.62 -12.63
CA LYS A 21 -3.65 -1.70 -13.16
C LYS A 21 -3.61 -2.92 -12.23
N GLU A 22 -2.41 -3.23 -11.74
CA GLU A 22 -2.24 -4.36 -10.84
C GLU A 22 -2.95 -4.12 -9.52
N MET A 23 -2.96 -2.87 -9.07
CA MET A 23 -3.63 -2.51 -7.82
C MET A 23 -5.13 -2.75 -7.93
N GLU A 24 -5.68 -2.53 -9.13
CA GLU A 24 -7.11 -2.72 -9.34
C GLU A 24 -7.48 -4.19 -9.18
N GLY A 25 -6.60 -5.07 -9.65
CA GLY A 25 -6.85 -6.51 -9.55
C GLY A 25 -7.13 -6.92 -8.11
N SER A 26 -6.17 -7.58 -7.48
CA SER A 26 -6.33 -8.03 -6.11
C SER A 26 -5.02 -8.60 -5.57
N PRO A 27 -3.98 -7.80 -5.58
CA PRO A 27 -2.64 -8.23 -5.09
C PRO A 27 -2.59 -8.36 -3.57
N GLU A 28 -2.97 -9.53 -3.06
CA GLU A 28 -2.96 -9.76 -1.62
C GLU A 28 -1.53 -9.86 -1.09
N ILE A 29 -0.62 -10.30 -1.96
CA ILE A 29 0.78 -10.45 -1.57
C ILE A 29 1.40 -9.09 -1.28
N LYS A 30 1.06 -8.10 -2.10
CA LYS A 30 1.60 -6.76 -1.92
C LYS A 30 1.08 -6.14 -0.63
N SER A 31 0.02 -6.73 -0.07
CA SER A 31 -0.56 -6.23 1.17
C SER A 31 0.43 -6.38 2.33
N LYS A 32 1.18 -7.48 2.32
CA LYS A 32 2.15 -7.74 3.37
C LYS A 32 3.23 -6.65 3.40
N ARG A 33 3.63 -6.21 2.21
CA ARG A 33 4.65 -5.18 2.10
C ARG A 33 4.16 -3.87 2.71
N ARG A 34 2.88 -3.57 2.52
CA ARG A 34 2.30 -2.34 3.06
C ARG A 34 2.37 -2.32 4.59
N GLN A 35 2.21 -3.49 5.19
CA GLN A 35 2.25 -3.59 6.65
C GLN A 35 3.53 -2.96 7.18
N PHE A 36 4.63 -3.18 6.47
CA PHE A 36 5.92 -2.62 6.89
C PHE A 36 5.87 -1.09 6.90
N HIS A 37 5.30 -0.52 5.84
CA HIS A 37 5.20 0.94 5.75
C HIS A 37 4.13 1.46 6.69
N GLN A 38 3.17 0.59 7.03
CA GLN A 38 2.09 0.98 7.92
C GLN A 38 2.63 1.26 9.33
N GLU A 39 3.61 0.47 9.74
CA GLU A 39 4.21 0.64 11.06
C GLU A 39 4.95 1.98 11.14
N ILE A 40 5.67 2.32 10.08
CA ILE A 40 6.41 3.56 10.04
C ILE A 40 5.47 4.76 10.11
N GLN A 41 4.37 4.68 9.37
CA GLN A 41 3.38 5.77 9.35
C GLN A 41 2.77 5.96 10.73
N SER A 42 2.52 4.84 11.41
CA SER A 42 1.93 4.91 12.75
C SER A 42 2.91 5.53 13.74
N ARG A 43 4.19 5.21 13.58
CA ARG A 43 5.21 5.75 14.46
C ARG A 43 5.42 7.24 14.21
N ASN A 44 5.11 7.67 12.99
CA ASN A 44 5.26 9.07 12.62
C ASN A 44 4.34 9.94 13.46
N MET A 45 3.11 9.47 13.69
CA MET A 45 2.15 10.21 14.47
C MET A 45 2.60 10.33 15.92
N ARG A 46 3.15 9.24 16.45
CA ARG A 46 3.62 9.22 17.83
C ARG A 46 4.74 10.25 18.02
N GLU A 47 5.66 10.30 17.07
CA GLU A 47 6.77 11.24 17.16
C GLU A 47 6.26 12.67 17.02
N ASN A 48 5.18 12.84 16.28
CA ASN A 48 4.61 14.16 16.07
C ASN A 48 4.14 14.75 17.40
N VAL A 49 3.53 13.92 18.22
CA VAL A 49 3.03 14.37 19.53
C VAL A 49 2.26 15.67 19.39
N LYS A 50 1.93 16.03 18.15
CA LYS A 50 1.19 17.26 17.89
C LYS A 50 1.86 18.45 18.54
N ARG A 51 2.94 18.94 17.93
CA ARG A 51 3.68 20.07 18.48
C ARG A 51 3.18 21.38 17.85
N SER A 52 2.10 21.28 17.09
CA SER A 52 1.53 22.46 16.43
C SER A 52 1.09 23.48 17.47
N SER A 53 0.56 23.00 18.59
CA SER A 53 0.10 23.89 19.65
C SER A 53 -0.24 23.09 20.91
N VAL A 54 0.80 22.65 21.62
CA VAL A 54 0.58 21.88 22.85
C VAL A 54 -0.08 22.73 23.91
N VAL A 55 0.40 23.96 24.08
CA VAL A 55 -0.16 24.87 25.06
C VAL A 55 -0.13 26.31 24.55
N VAL A 56 0.56 26.52 23.44
CA VAL A 56 0.67 27.85 22.85
C VAL A 56 0.39 27.80 21.36
N ALA A 57 0.12 28.97 20.77
CA ALA A 57 -0.16 29.05 19.35
C ALA A 57 -1.43 28.29 19.01
N ASN A 58 -1.82 28.31 17.73
CA ASN A 58 -3.02 27.62 17.29
C ASN A 58 -3.07 27.55 15.77
#